data_7HIE
#
_entry.id   7HIE
#
_cell.length_a   87.644
_cell.length_b   87.644
_cell.length_c   85.702
_cell.angle_alpha   90.00
_cell.angle_beta   90.00
_cell.angle_gamma   120.00
#
_symmetry.space_group_name_H-M   'P 31'
#
loop_
_entity.id
_entity.type
_entity.pdbx_description
1 polymer 'Non-structural protein 3'
2 non-polymer 'DIMETHYL SULFOXIDE'
3 non-polymer 2-AMINO-2-HYDROXYMETHYL-PROPANE-1,3-DIOL
4 non-polymer 'CHLORIDE ION'
5 non-polymer (5R)-1,3,7-triazaspiro[4.5]decane-2,4-dione
6 non-polymer 5-(1,3-thiazol-2-yl)-1H-1,2,4-triazole
7 non-polymer (5S)-1,3,7-triazaspiro[4.5]decane-2,4-dione
8 water water
#
_entity_poly.entity_id   1
_entity_poly.type   'polypeptide(L)'
_entity_poly.pdbx_seq_one_letter_code
;GAMAPSYRVKRMDIAKNDEECVVNAANPRGLPGDGVCKAVYKKWPESFKNSATPVGTAKTVMCGTYPVIHAVGPNFSNYT
ESEGDRELAAAYREVAKEVTRLGVNSVAIPLLSTGVYSGGKDRLTQSLNHLFTAMDSTDADVVIYCRDKEWEKKISEAIQ
MRT
;
_entity_poly.pdbx_strand_id   A,B,C,D
#
loop_
_chem_comp.id
_chem_comp.type
_chem_comp.name
_chem_comp.formula
A1AP9 non-polymer (5S)-1,3,7-triazaspiro[4.5]decane-2,4-dione 'C7 H11 N3 O2'
CL non-polymer 'CHLORIDE ION' 'Cl -1'
DMS non-polymer 'DIMETHYL SULFOXIDE' 'C2 H6 O S'
K34 non-polymer 5-(1,3-thiazol-2-yl)-1H-1,2,4-triazole 'C5 H4 N4 S'
TRS non-polymer 2-AMINO-2-HYDROXYMETHYL-PROPANE-1,3-DIOL 'C4 H12 N O3 1'
ZV5 non-polymer (5R)-1,3,7-triazaspiro[4.5]decane-2,4-dione 'C7 H11 N3 O2'
#
# COMPACT_ATOMS: atom_id res chain seq x y z
N GLY A 1 -14.63 -8.22 -18.50
CA GLY A 1 -14.14 -7.24 -19.52
C GLY A 1 -14.74 -5.86 -19.32
N ALA A 2 -14.22 -4.86 -20.04
CA ALA A 2 -14.77 -3.49 -20.09
C ALA A 2 -16.11 -3.50 -20.85
N MET A 3 -17.07 -2.67 -20.46
CA MET A 3 -18.43 -2.66 -21.08
C MET A 3 -18.35 -2.24 -22.56
N ALA A 4 -17.41 -1.35 -22.90
CA ALA A 4 -17.22 -0.89 -24.29
C ALA A 4 -15.72 -0.75 -24.48
N PRO A 5 -15.02 -1.87 -24.70
CA PRO A 5 -13.56 -1.86 -24.75
C PRO A 5 -13.03 -0.75 -25.68
N SER A 6 -12.09 0.06 -25.19
CA SER A 6 -11.58 1.28 -25.87
C SER A 6 -10.05 1.31 -25.82
N TYR A 7 -9.47 2.14 -26.69
CA TYR A 7 -8.07 2.63 -26.64
C TYR A 7 -8.07 4.12 -26.30
N ARG A 8 -7.17 4.52 -25.40
N ARG A 8 -7.18 4.53 -25.38
N ARG A 8 -7.17 4.52 -25.40
CA ARG A 8 -6.91 5.94 -25.03
CA ARG A 8 -6.90 5.94 -25.03
CA ARG A 8 -6.91 5.94 -25.04
C ARG A 8 -5.41 6.15 -24.97
C ARG A 8 -5.40 6.15 -24.99
C ARG A 8 -5.41 6.15 -24.97
N VAL A 9 -4.96 7.40 -25.09
CA VAL A 9 -3.55 7.77 -24.91
C VAL A 9 -3.49 8.87 -23.89
N LYS A 10 -2.50 8.78 -23.00
CA LYS A 10 -2.19 9.76 -21.92
C LYS A 10 -0.70 10.15 -22.05
N ARG A 11 -0.39 11.45 -21.96
CA ARG A 11 1.01 11.95 -21.93
C ARG A 11 1.35 12.26 -20.48
N MET A 12 1.91 11.27 -19.80
CA MET A 12 2.29 11.36 -18.37
C MET A 12 3.07 10.09 -18.00
N ASP A 13 3.61 10.10 -16.78
CA ASP A 13 4.39 8.99 -16.19
C ASP A 13 3.46 7.80 -15.97
N ILE A 14 3.78 6.65 -16.57
CA ILE A 14 2.98 5.40 -16.40
C ILE A 14 2.94 4.92 -14.94
N ALA A 15 3.90 5.36 -14.11
CA ALA A 15 3.90 5.07 -12.65
C ALA A 15 2.69 5.73 -11.96
N LYS A 16 2.04 6.70 -12.59
CA LYS A 16 0.87 7.43 -12.03
C LYS A 16 -0.42 6.85 -12.67
N ASN A 17 -0.41 5.67 -13.32
CA ASN A 17 -1.57 5.22 -14.15
C ASN A 17 -2.83 4.99 -13.27
N ASP A 18 -3.98 5.02 -13.93
CA ASP A 18 -5.32 4.79 -13.32
C ASP A 18 -5.95 3.49 -13.78
N GLU A 19 -5.13 2.48 -14.07
CA GLU A 19 -5.59 1.20 -14.64
C GLU A 19 -5.32 0.04 -13.66
N GLU A 20 -5.88 -1.11 -13.97
CA GLU A 20 -5.86 -2.24 -13.01
C GLU A 20 -4.54 -3.01 -13.02
N CYS A 21 -3.69 -2.76 -14.03
CA CYS A 21 -2.36 -3.38 -14.09
C CYS A 21 -1.50 -2.53 -15.02
N VAL A 22 -0.20 -2.78 -14.97
CA VAL A 22 0.77 -2.02 -15.79
C VAL A 22 1.68 -2.98 -16.56
N VAL A 23 2.07 -2.57 -17.75
CA VAL A 23 3.09 -3.24 -18.55
C VAL A 23 4.39 -2.44 -18.37
N ASN A 24 5.43 -3.12 -17.89
CA ASN A 24 6.81 -2.58 -17.84
C ASN A 24 7.53 -2.81 -19.17
N ALA A 25 8.22 -1.78 -19.67
CA ALA A 25 9.17 -1.93 -20.79
C ALA A 25 10.48 -2.46 -20.18
N ALA A 26 10.51 -3.75 -19.91
CA ALA A 26 11.55 -4.42 -19.10
C ALA A 26 12.80 -4.75 -19.94
N ASN A 27 13.90 -4.94 -19.22
CA ASN A 27 15.11 -5.58 -19.82
C ASN A 27 15.05 -7.05 -19.50
N PRO A 28 15.83 -7.89 -20.21
CA PRO A 28 15.75 -9.32 -20.00
C PRO A 28 16.21 -9.85 -18.64
N ARG A 29 16.96 -9.01 -17.92
CA ARG A 29 17.70 -9.39 -16.70
C ARG A 29 16.90 -9.04 -15.44
N GLY A 30 15.79 -8.31 -15.59
CA GLY A 30 15.02 -7.85 -14.44
C GLY A 30 15.80 -6.81 -13.67
N LEU A 31 16.63 -6.01 -14.32
CA LEU A 31 17.35 -4.90 -13.66
C LEU A 31 16.52 -3.65 -13.63
N PRO A 32 16.80 -2.67 -12.73
CA PRO A 32 16.05 -1.42 -12.71
C PRO A 32 16.06 -0.61 -13.99
N GLY A 33 17.15 -0.65 -14.75
CA GLY A 33 17.17 -0.07 -16.11
C GLY A 33 17.07 1.44 -16.16
N ASP A 34 16.44 1.97 -17.21
CA ASP A 34 16.30 3.42 -17.54
C ASP A 34 14.90 3.72 -18.06
N GLY A 35 14.50 5.00 -18.13
CA GLY A 35 13.21 5.41 -18.74
C GLY A 35 12.03 4.82 -17.98
N VAL A 36 11.05 4.26 -18.71
CA VAL A 36 9.85 3.62 -18.11
C VAL A 36 10.28 2.57 -17.08
N CYS A 37 11.25 1.70 -17.41
CA CYS A 37 11.69 0.61 -16.50
C CYS A 37 12.10 1.23 -15.15
N LYS A 38 12.84 2.33 -15.18
CA LYS A 38 13.33 2.87 -13.88
C LYS A 38 12.15 3.46 -13.06
N ALA A 39 11.22 4.09 -13.72
CA ALA A 39 9.99 4.62 -13.06
C ALA A 39 9.19 3.50 -12.42
N VAL A 40 9.07 2.39 -13.14
CA VAL A 40 8.35 1.19 -12.67
C VAL A 40 9.09 0.62 -11.47
N TYR A 41 10.44 0.61 -11.51
CA TYR A 41 11.24 0.10 -10.39
C TYR A 41 11.04 0.94 -9.12
N LYS A 42 10.97 2.27 -9.26
CA LYS A 42 10.74 3.21 -8.12
C LYS A 42 9.37 2.91 -7.49
N LYS A 43 8.35 2.77 -8.34
CA LYS A 43 6.94 2.67 -7.85
C LYS A 43 6.64 1.27 -7.32
N TRP A 44 7.10 0.20 -7.97
CA TRP A 44 6.77 -1.18 -7.68
C TRP A 44 8.01 -2.06 -7.57
N PRO A 45 9.00 -1.71 -6.70
CA PRO A 45 10.24 -2.47 -6.72
C PRO A 45 10.07 -3.93 -6.35
N GLU A 46 9.06 -4.27 -5.53
CA GLU A 46 8.76 -5.65 -5.12
C GLU A 46 8.44 -6.53 -6.35
N SER A 47 8.01 -5.92 -7.47
CA SER A 47 7.62 -6.70 -8.69
C SER A 47 8.84 -7.12 -9.49
N PHE A 48 10.04 -6.76 -9.04
CA PHE A 48 11.27 -7.20 -9.74
C PHE A 48 11.87 -8.51 -9.17
N LYS A 49 11.22 -9.12 -8.19
CA LYS A 49 11.62 -10.47 -7.68
C LYS A 49 11.43 -11.50 -8.78
N ASN A 50 12.53 -12.06 -9.31
CA ASN A 50 12.47 -13.11 -10.35
C ASN A 50 11.65 -12.66 -11.58
N SER A 51 11.87 -11.45 -12.02
CA SER A 51 11.19 -10.88 -13.22
C SER A 51 12.01 -11.11 -14.50
N ALA A 52 13.26 -11.56 -14.42
CA ALA A 52 14.05 -11.84 -15.63
C ALA A 52 13.31 -12.79 -16.56
N THR A 53 13.34 -12.51 -17.85
CA THR A 53 12.59 -13.27 -18.89
C THR A 53 13.20 -12.93 -20.25
N PRO A 54 13.18 -13.86 -21.23
CA PRO A 54 13.82 -13.60 -22.52
C PRO A 54 13.16 -12.52 -23.40
N VAL A 55 13.89 -12.06 -24.41
CA VAL A 55 13.33 -11.12 -25.41
C VAL A 55 12.12 -11.80 -26.06
N GLY A 56 11.07 -11.02 -26.31
CA GLY A 56 9.87 -11.50 -26.99
C GLY A 56 8.89 -12.18 -26.05
N THR A 57 9.10 -12.07 -24.74
CA THR A 57 8.22 -12.70 -23.72
C THR A 57 7.73 -11.67 -22.69
N ALA A 58 6.73 -12.06 -21.90
CA ALA A 58 6.23 -11.26 -20.78
C ALA A 58 6.12 -12.17 -19.57
N LYS A 59 6.45 -11.62 -18.43
CA LYS A 59 6.38 -12.34 -17.13
C LYS A 59 5.75 -11.42 -16.10
N THR A 60 4.62 -11.85 -15.51
CA THR A 60 3.88 -11.01 -14.54
C THR A 60 4.38 -11.31 -13.13
N VAL A 61 4.66 -10.29 -12.35
CA VAL A 61 4.96 -10.41 -10.90
C VAL A 61 4.07 -9.40 -10.16
N MET A 62 3.46 -9.87 -9.07
N MET A 62 3.43 -9.88 -9.08
N MET A 62 3.46 -9.87 -9.07
CA MET A 62 2.54 -9.06 -8.23
CA MET A 62 2.53 -9.03 -8.26
CA MET A 62 2.54 -9.06 -8.24
C MET A 62 3.34 -8.10 -7.36
C MET A 62 3.36 -8.08 -7.38
C MET A 62 3.34 -8.10 -7.36
N CYS A 63 2.88 -6.85 -7.23
CA CYS A 63 3.35 -5.92 -6.18
C CYS A 63 2.15 -5.72 -5.25
N GLY A 64 2.11 -6.40 -4.10
CA GLY A 64 0.83 -6.59 -3.39
C GLY A 64 -0.13 -7.40 -4.20
N THR A 65 -1.28 -6.82 -4.60
CA THR A 65 -2.23 -7.44 -5.51
C THR A 65 -2.19 -6.77 -6.91
N TYR A 66 -1.27 -5.87 -7.10
CA TYR A 66 -1.25 -5.02 -8.35
C TYR A 66 -0.30 -5.69 -9.35
N PRO A 67 -0.81 -6.19 -10.50
CA PRO A 67 0.05 -6.95 -11.42
C PRO A 67 0.95 -6.05 -12.27
N VAL A 68 2.25 -6.39 -12.30
CA VAL A 68 3.24 -5.76 -13.20
C VAL A 68 3.63 -6.80 -14.24
N ILE A 69 3.31 -6.54 -15.50
CA ILE A 69 3.58 -7.43 -16.63
C ILE A 69 4.90 -6.96 -17.25
N HIS A 70 5.99 -7.67 -16.96
CA HIS A 70 7.33 -7.28 -17.50
C HIS A 70 7.43 -7.79 -18.93
N ALA A 71 7.37 -6.90 -19.92
CA ALA A 71 7.37 -7.25 -21.36
C ALA A 71 8.75 -6.83 -21.93
N VAL A 72 9.46 -7.82 -22.50
CA VAL A 72 10.84 -7.53 -23.02
C VAL A 72 10.81 -7.38 -24.54
N GLY A 73 10.84 -6.17 -25.00
CA GLY A 73 11.02 -5.85 -26.41
C GLY A 73 12.49 -5.95 -26.80
N PRO A 74 12.75 -6.18 -28.09
CA PRO A 74 14.13 -6.26 -28.58
C PRO A 74 14.80 -4.89 -28.58
N ASN A 75 16.12 -4.92 -28.40
CA ASN A 75 17.00 -3.73 -28.58
C ASN A 75 17.46 -3.72 -30.04
N PHE A 76 16.98 -2.77 -30.84
CA PHE A 76 17.23 -2.76 -32.31
C PHE A 76 18.70 -2.44 -32.62
N SER A 77 19.45 -2.04 -31.63
CA SER A 77 20.95 -1.94 -31.78
C SER A 77 21.56 -3.31 -32.04
N ASN A 78 20.96 -4.37 -31.50
CA ASN A 78 21.50 -5.75 -31.56
C ASN A 78 20.81 -6.63 -32.57
N TYR A 79 19.48 -6.45 -32.79
CA TYR A 79 18.69 -7.29 -33.69
C TYR A 79 18.78 -6.66 -35.09
N THR A 80 18.64 -7.50 -36.11
CA THR A 80 18.36 -7.07 -37.49
C THR A 80 16.96 -6.45 -37.50
N GLU A 81 16.65 -5.58 -38.47
CA GLU A 81 15.26 -5.06 -38.56
C GLU A 81 14.26 -6.22 -38.62
N SER A 82 14.51 -7.27 -39.37
CA SER A 82 13.63 -8.43 -39.58
C SER A 82 13.41 -9.16 -38.24
N GLU A 83 14.48 -9.49 -37.56
CA GLU A 83 14.37 -10.30 -36.33
C GLU A 83 13.79 -9.44 -35.20
N GLY A 84 14.22 -8.20 -35.11
CA GLY A 84 13.66 -7.28 -34.10
C GLY A 84 12.18 -7.10 -34.33
N ASP A 85 11.74 -6.95 -35.56
CA ASP A 85 10.29 -6.81 -35.86
C ASP A 85 9.52 -8.03 -35.34
N ARG A 86 10.05 -9.22 -35.57
CA ARG A 86 9.41 -10.49 -35.11
C ARG A 86 9.32 -10.50 -33.58
N GLU A 87 10.40 -10.16 -32.88
CA GLU A 87 10.43 -10.25 -31.38
C GLU A 87 9.53 -9.16 -30.79
N LEU A 88 9.40 -8.02 -31.42
CA LEU A 88 8.54 -6.91 -30.92
C LEU A 88 7.07 -7.35 -31.04
N ALA A 89 6.67 -7.93 -32.18
CA ALA A 89 5.31 -8.49 -32.32
C ALA A 89 5.05 -9.56 -31.26
N ALA A 90 6.00 -10.46 -31.03
CA ALA A 90 5.88 -11.57 -30.07
C ALA A 90 5.69 -11.02 -28.63
N ALA A 91 6.47 -10.03 -28.22
CA ALA A 91 6.33 -9.45 -26.87
C ALA A 91 4.88 -8.99 -26.63
N TYR A 92 4.31 -8.28 -27.60
CA TYR A 92 2.92 -7.77 -27.47
C TYR A 92 1.93 -8.95 -27.44
N ARG A 93 2.11 -9.99 -28.25
CA ARG A 93 1.23 -11.19 -28.16
C ARG A 93 1.27 -11.77 -26.74
N GLU A 94 2.44 -11.81 -26.09
CA GLU A 94 2.54 -12.36 -24.72
C GLU A 94 1.87 -11.41 -23.73
N VAL A 95 1.95 -10.09 -23.90
CA VAL A 95 1.19 -9.15 -23.07
C VAL A 95 -0.32 -9.46 -23.18
N ALA A 96 -0.83 -9.65 -24.38
CA ALA A 96 -2.28 -9.90 -24.51
C ALA A 96 -2.66 -11.19 -23.77
N LYS A 97 -1.88 -12.25 -23.84
CA LYS A 97 -2.15 -13.51 -23.09
C LYS A 97 -2.20 -13.21 -21.57
N GLU A 98 -1.26 -12.44 -21.04
CA GLU A 98 -1.21 -12.14 -19.60
C GLU A 98 -2.39 -11.28 -19.19
N VAL A 99 -2.73 -10.25 -19.95
CA VAL A 99 -3.87 -9.37 -19.61
C VAL A 99 -5.15 -10.23 -19.57
N THR A 100 -5.30 -11.13 -20.51
CA THR A 100 -6.49 -12.02 -20.53
C THR A 100 -6.48 -12.92 -19.31
N ARG A 101 -5.37 -13.56 -19.02
CA ARG A 101 -5.23 -14.52 -17.90
C ARG A 101 -5.57 -13.84 -16.57
N LEU A 102 -5.16 -12.59 -16.40
CA LEU A 102 -5.33 -11.83 -15.15
C LEU A 102 -6.81 -11.44 -14.95
N GLY A 103 -7.60 -11.37 -16.02
CA GLY A 103 -9.03 -10.96 -15.93
C GLY A 103 -9.21 -9.51 -15.58
N VAL A 104 -8.21 -8.67 -15.80
CA VAL A 104 -8.33 -7.22 -15.56
C VAL A 104 -9.26 -6.58 -16.60
N ASN A 105 -9.86 -5.45 -16.20
CA ASN A 105 -10.77 -4.68 -17.08
C ASN A 105 -10.02 -3.50 -17.71
N SER A 106 -8.77 -3.23 -17.29
CA SER A 106 -7.95 -2.13 -17.87
C SER A 106 -6.47 -2.44 -17.69
N VAL A 107 -5.65 -1.89 -18.59
CA VAL A 107 -4.18 -2.09 -18.58
C VAL A 107 -3.51 -0.81 -19.07
N ALA A 108 -2.43 -0.36 -18.40
CA ALA A 108 -1.55 0.74 -18.82
C ALA A 108 -0.36 0.16 -19.59
N ILE A 109 -0.08 0.67 -20.78
N ILE A 109 -0.13 0.61 -20.83
N ILE A 109 -0.08 0.68 -20.78
CA ILE A 109 0.95 0.07 -21.68
CA ILE A 109 0.91 0.03 -21.75
CA ILE A 109 0.95 0.07 -21.68
C ILE A 109 1.78 1.17 -22.32
C ILE A 109 1.78 1.15 -22.33
C ILE A 109 1.78 1.17 -22.32
N PRO A 110 3.12 1.01 -22.31
CA PRO A 110 4.01 1.91 -23.05
C PRO A 110 4.30 1.34 -24.44
N LEU A 111 4.87 2.14 -25.35
CA LEU A 111 5.25 1.63 -26.69
C LEU A 111 6.62 0.97 -26.55
N LEU A 112 6.63 -0.34 -26.58
CA LEU A 112 7.85 -1.15 -26.44
C LEU A 112 8.81 -0.81 -27.59
N SER A 113 10.11 -0.83 -27.27
CA SER A 113 11.25 -0.65 -28.18
C SER A 113 11.31 0.74 -28.86
N THR A 114 10.73 1.79 -28.28
CA THR A 114 10.66 3.13 -28.92
C THR A 114 11.67 4.13 -28.37
N GLY A 115 12.28 3.84 -27.23
CA GLY A 115 13.27 4.72 -26.58
C GLY A 115 14.67 4.20 -26.80
N VAL A 116 15.39 3.90 -25.71
CA VAL A 116 16.81 3.45 -25.76
C VAL A 116 16.94 2.13 -26.54
N TYR A 117 15.87 1.33 -26.68
CA TYR A 117 15.90 0.10 -27.53
C TYR A 117 15.53 0.33 -29.02
N SER A 118 15.35 1.59 -29.44
CA SER A 118 14.88 1.95 -30.81
C SER A 118 16.02 1.86 -31.83
N GLY A 119 17.29 1.78 -31.39
CA GLY A 119 18.44 1.83 -32.30
C GLY A 119 18.49 3.15 -33.05
N GLY A 120 18.05 4.24 -32.41
CA GLY A 120 18.08 5.60 -32.98
C GLY A 120 16.99 5.88 -34.02
N LYS A 121 15.98 5.02 -34.23
CA LYS A 121 14.94 5.23 -35.25
C LYS A 121 13.60 5.55 -34.58
N ASP A 122 12.75 6.28 -35.29
CA ASP A 122 11.36 6.57 -34.87
C ASP A 122 10.58 5.29 -35.15
N ARG A 123 10.12 4.60 -34.08
CA ARG A 123 9.34 3.34 -34.22
C ARG A 123 7.92 3.47 -33.64
N LEU A 124 7.37 4.69 -33.59
CA LEU A 124 5.96 4.90 -33.10
C LEU A 124 5.03 3.98 -33.89
N THR A 125 4.93 4.14 -35.22
CA THR A 125 3.95 3.37 -36.02
C THR A 125 4.21 1.85 -35.91
N GLN A 126 5.47 1.43 -35.99
CA GLN A 126 5.79 -0.02 -35.95
C GLN A 126 5.28 -0.59 -34.62
N SER A 127 5.62 0.10 -33.54
CA SER A 127 5.35 -0.46 -32.17
C SER A 127 3.84 -0.37 -31.91
N LEU A 128 3.21 0.74 -32.24
CA LEU A 128 1.74 0.90 -32.06
C LEU A 128 0.99 -0.13 -32.87
N ASN A 129 1.37 -0.37 -34.12
CA ASN A 129 0.63 -1.35 -34.92
C ASN A 129 0.76 -2.76 -34.35
N HIS A 130 1.93 -3.19 -33.84
CA HIS A 130 2.05 -4.48 -33.12
C HIS A 130 1.22 -4.53 -31.83
N LEU A 131 1.11 -3.41 -31.16
CA LEU A 131 0.25 -3.32 -29.95
C LEU A 131 -1.19 -3.61 -30.37
N PHE A 132 -1.68 -2.91 -31.40
CA PHE A 132 -3.07 -3.11 -31.90
C PHE A 132 -3.27 -4.57 -32.34
N THR A 133 -2.34 -5.15 -33.10
CA THR A 133 -2.49 -6.54 -33.60
C THR A 133 -2.74 -7.47 -32.40
N ALA A 134 -2.03 -7.26 -31.31
CA ALA A 134 -2.16 -8.16 -30.14
C ALA A 134 -3.38 -7.82 -29.30
N MET A 135 -3.65 -6.54 -29.05
CA MET A 135 -4.66 -6.14 -28.03
C MET A 135 -6.08 -6.08 -28.62
N ASP A 136 -6.21 -6.10 -29.94
CA ASP A 136 -7.54 -5.90 -30.55
C ASP A 136 -8.48 -7.03 -30.16
N SER A 137 -8.01 -8.23 -29.92
CA SER A 137 -8.88 -9.37 -29.58
C SER A 137 -9.17 -9.45 -28.06
N THR A 138 -8.56 -8.57 -27.24
CA THR A 138 -8.82 -8.49 -25.78
C THR A 138 -9.96 -7.49 -25.51
N ASP A 139 -10.63 -7.65 -24.36
CA ASP A 139 -11.75 -6.75 -24.00
C ASP A 139 -11.35 -5.81 -22.85
N ALA A 140 -10.07 -5.69 -22.51
CA ALA A 140 -9.61 -4.72 -21.51
C ALA A 140 -9.59 -3.30 -22.12
N ASP A 141 -9.90 -2.29 -21.33
CA ASP A 141 -9.66 -0.90 -21.73
C ASP A 141 -8.13 -0.77 -21.77
N VAL A 142 -7.59 -0.30 -22.89
CA VAL A 142 -6.12 -0.13 -23.03
C VAL A 142 -5.78 1.34 -22.99
N VAL A 143 -4.89 1.76 -22.11
CA VAL A 143 -4.44 3.15 -22.00
C VAL A 143 -2.94 3.19 -22.33
N ILE A 144 -2.60 3.83 -23.44
CA ILE A 144 -1.21 3.93 -23.91
C ILE A 144 -0.59 5.14 -23.26
N TYR A 145 0.62 5.02 -22.74
CA TYR A 145 1.35 6.11 -22.07
C TYR A 145 2.54 6.55 -22.91
N CYS A 146 2.74 7.84 -22.99
CA CYS A 146 3.87 8.43 -23.77
C CYS A 146 4.28 9.71 -23.05
N ARG A 147 5.43 10.28 -23.40
CA ARG A 147 5.95 11.53 -22.79
C ARG A 147 6.04 12.66 -23.81
N ASP A 148 6.15 12.38 -25.10
CA ASP A 148 6.43 13.40 -26.16
C ASP A 148 5.12 14.01 -26.64
N LYS A 149 5.01 15.35 -26.74
CA LYS A 149 3.77 16.02 -27.18
C LYS A 149 3.39 15.63 -28.61
N GLU A 150 4.36 15.48 -29.51
CA GLU A 150 4.06 15.13 -30.92
C GLU A 150 3.63 13.68 -31.04
N TRP A 151 4.25 12.80 -30.27
CA TRP A 151 3.81 11.37 -30.20
C TRP A 151 2.36 11.29 -29.69
N GLU A 152 1.99 12.03 -28.64
CA GLU A 152 0.59 11.96 -28.12
C GLU A 152 -0.37 12.24 -29.29
N LYS A 153 -0.10 13.30 -30.05
CA LYS A 153 -0.98 13.68 -31.18
C LYS A 153 -1.04 12.55 -32.21
N LYS A 154 0.08 11.96 -32.57
CA LYS A 154 0.14 10.91 -33.59
C LYS A 154 -0.55 9.63 -33.09
N ILE A 155 -0.35 9.29 -31.81
CA ILE A 155 -1.03 8.07 -31.26
C ILE A 155 -2.54 8.30 -31.25
N SER A 156 -2.97 9.49 -30.80
CA SER A 156 -4.40 9.87 -30.74
C SER A 156 -5.02 9.79 -32.14
N GLU A 157 -4.32 10.32 -33.15
CA GLU A 157 -4.81 10.29 -34.56
C GLU A 157 -4.97 8.83 -35.02
N ALA A 158 -4.01 7.97 -34.71
CA ALA A 158 -4.02 6.54 -35.11
C ALA A 158 -5.20 5.82 -34.45
N ILE A 159 -5.52 6.14 -33.19
CA ILE A 159 -6.65 5.49 -32.48
C ILE A 159 -7.95 5.93 -33.19
N GLN A 160 -8.14 7.24 -33.37
CA GLN A 160 -9.43 7.81 -33.86
C GLN A 160 -9.68 7.38 -35.30
N MET A 161 -8.62 7.22 -36.11
CA MET A 161 -8.71 6.84 -37.55
C MET A 161 -9.47 5.53 -37.71
N ARG A 162 -9.29 4.58 -36.78
CA ARG A 162 -9.86 3.21 -36.84
C ARG A 162 -11.33 3.22 -36.39
N THR A 163 -11.76 4.21 -35.60
CA THR A 163 -13.11 4.26 -34.96
C THR A 163 -14.14 4.77 -35.98
N GLY B 1 -27.10 21.11 -6.70
CA GLY B 1 -26.85 21.75 -5.37
C GLY B 1 -26.76 20.71 -4.28
N ALA B 2 -26.03 21.00 -3.20
CA ALA B 2 -26.10 20.23 -1.95
C ALA B 2 -27.45 20.55 -1.31
N MET B 3 -28.00 19.58 -0.58
CA MET B 3 -29.34 19.67 0.10
C MET B 3 -29.31 20.79 1.15
N ALA B 4 -28.17 20.95 1.82
CA ALA B 4 -27.96 21.97 2.86
C ALA B 4 -26.55 22.51 2.68
N PRO B 5 -26.35 23.37 1.67
CA PRO B 5 -25.01 23.86 1.35
C PRO B 5 -24.23 24.32 2.59
N SER B 6 -22.99 23.81 2.74
CA SER B 6 -22.15 24.01 3.94
C SER B 6 -20.72 24.41 3.56
N TYR B 7 -20.00 24.93 4.55
CA TYR B 7 -18.53 25.07 4.54
C TYR B 7 -17.97 24.13 5.63
N ARG B 8 -16.90 23.44 5.29
CA ARG B 8 -16.10 22.59 6.22
C ARG B 8 -14.62 22.87 5.99
N VAL B 9 -13.77 22.55 6.96
CA VAL B 9 -12.30 22.66 6.80
C VAL B 9 -11.68 21.29 7.08
N LYS B 10 -10.72 20.89 6.30
CA LYS B 10 -9.92 19.68 6.56
C LYS B 10 -8.45 20.02 6.50
N ARG B 11 -7.69 19.56 7.50
CA ARG B 11 -6.23 19.72 7.57
C ARG B 11 -5.57 18.48 6.94
N MET B 12 -5.35 18.52 5.62
CA MET B 12 -4.78 17.39 4.89
C MET B 12 -4.47 17.85 3.47
N ASP B 13 -3.75 17.00 2.76
CA ASP B 13 -3.36 17.16 1.34
C ASP B 13 -4.62 17.19 0.46
N ILE B 14 -4.85 18.30 -0.25
CA ILE B 14 -6.06 18.49 -1.10
C ILE B 14 -6.08 17.45 -2.23
N ALA B 15 -4.94 16.84 -2.60
CA ALA B 15 -4.91 15.76 -3.61
C ALA B 15 -5.69 14.53 -3.14
N LYS B 16 -5.90 14.37 -1.84
CA LYS B 16 -6.71 13.27 -1.26
C LYS B 16 -8.16 13.67 -1.00
N ASN B 17 -8.66 14.75 -1.62
CA ASN B 17 -10.03 15.21 -1.34
C ASN B 17 -11.10 14.21 -1.80
N ASP B 18 -12.27 14.28 -1.17
CA ASP B 18 -13.45 13.41 -1.43
C ASP B 18 -14.58 14.26 -2.01
N GLU B 19 -14.26 15.31 -2.77
CA GLU B 19 -15.26 16.19 -3.40
C GLU B 19 -15.32 15.93 -4.90
N GLU B 20 -16.30 16.53 -5.58
CA GLU B 20 -16.61 16.26 -7.01
C GLU B 20 -15.67 17.03 -7.94
N CYS B 21 -14.90 17.98 -7.41
CA CYS B 21 -13.89 18.73 -8.21
C CYS B 21 -12.89 19.34 -7.27
N VAL B 22 -11.76 19.79 -7.82
CA VAL B 22 -10.67 20.40 -7.03
C VAL B 22 -10.26 21.72 -7.67
N VAL B 23 -9.99 22.67 -6.80
CA VAL B 23 -9.36 23.98 -7.17
C VAL B 23 -7.85 23.89 -6.94
N ASN B 24 -7.09 24.05 -8.01
CA ASN B 24 -5.60 24.16 -7.91
C ASN B 24 -5.21 25.61 -7.65
N ALA B 25 -4.24 25.78 -6.77
CA ALA B 25 -3.59 27.09 -6.54
C ALA B 25 -2.50 27.22 -7.60
N ALA B 26 -2.90 27.58 -8.79
CA ALA B 26 -2.10 27.45 -10.03
C ALA B 26 -1.14 28.63 -10.15
N ASN B 27 -0.10 28.44 -10.97
CA ASN B 27 0.65 29.59 -11.51
C ASN B 27 0.13 29.93 -12.90
N PRO B 28 0.44 31.11 -13.49
CA PRO B 28 -0.15 31.51 -14.77
C PRO B 28 0.28 30.67 -15.98
N ARG B 29 1.36 29.90 -15.83
CA ARG B 29 2.00 29.23 -16.98
C ARG B 29 1.66 27.76 -17.06
N GLY B 30 0.85 27.21 -16.12
CA GLY B 30 0.56 25.77 -16.16
C GLY B 30 1.73 24.90 -15.81
N LEU B 31 2.68 25.40 -15.01
CA LEU B 31 3.85 24.62 -14.55
C LEU B 31 3.57 23.89 -13.27
N PRO B 32 4.31 22.83 -12.94
CA PRO B 32 4.12 22.09 -11.68
C PRO B 32 4.12 22.85 -10.32
N GLY B 33 5.00 23.84 -10.20
CA GLY B 33 5.04 24.79 -9.06
C GLY B 33 5.38 24.13 -7.73
N ASP B 34 4.88 24.71 -6.64
CA ASP B 34 5.18 24.31 -5.24
C ASP B 34 3.86 24.17 -4.47
N GLY B 35 3.93 23.66 -3.24
CA GLY B 35 2.76 23.56 -2.33
C GLY B 35 1.62 22.74 -2.92
N VAL B 36 0.38 23.28 -2.85
CA VAL B 36 -0.81 22.60 -3.41
C VAL B 36 -0.56 22.27 -4.89
N CYS B 37 0.01 23.20 -5.65
CA CYS B 37 0.16 23.00 -7.12
C CYS B 37 0.98 21.74 -7.37
N LYS B 38 2.04 21.53 -6.59
CA LYS B 38 2.91 20.32 -6.76
C LYS B 38 2.11 19.03 -6.47
N ALA B 39 1.30 19.03 -5.42
CA ALA B 39 0.46 17.88 -5.04
C ALA B 39 -0.56 17.62 -6.16
N VAL B 40 -1.15 18.67 -6.73
CA VAL B 40 -2.12 18.50 -7.83
C VAL B 40 -1.46 17.92 -9.07
N TYR B 41 -0.27 18.42 -9.41
CA TYR B 41 0.52 17.91 -10.55
C TYR B 41 0.88 16.43 -10.31
N LYS B 42 1.11 16.02 -9.08
CA LYS B 42 1.51 14.62 -8.79
C LYS B 42 0.33 13.69 -9.12
N LYS B 43 -0.92 14.10 -8.87
CA LYS B 43 -2.07 13.18 -9.02
C LYS B 43 -2.77 13.40 -10.38
N TRP B 44 -2.87 14.63 -10.87
CA TRP B 44 -3.58 14.99 -12.10
C TRP B 44 -2.70 15.73 -13.10
N PRO B 45 -1.52 15.19 -13.49
CA PRO B 45 -0.69 15.89 -14.45
C PRO B 45 -1.32 16.21 -15.79
N GLU B 46 -2.20 15.33 -16.29
CA GLU B 46 -2.95 15.54 -17.56
C GLU B 46 -3.78 16.81 -17.49
N SER B 47 -4.18 17.24 -16.28
CA SER B 47 -5.03 18.43 -16.11
C SER B 47 -4.23 19.70 -16.40
N PHE B 48 -2.91 19.63 -16.62
CA PHE B 48 -2.07 20.81 -16.92
C PHE B 48 -1.92 21.00 -18.43
N LYS B 49 -2.57 20.18 -19.24
CA LYS B 49 -2.59 20.42 -20.69
C LYS B 49 -3.33 21.72 -21.00
N ASN B 50 -2.63 22.71 -21.55
CA ASN B 50 -3.22 24.00 -21.92
C ASN B 50 -3.96 24.61 -20.71
N SER B 51 -3.36 24.54 -19.54
CA SER B 51 -3.98 25.15 -18.34
C SER B 51 -3.49 26.58 -18.10
N ALA B 52 -2.48 27.07 -18.82
CA ALA B 52 -1.99 28.45 -18.58
C ALA B 52 -3.14 29.46 -18.71
N THR B 53 -3.20 30.44 -17.83
CA THR B 53 -4.32 31.41 -17.77
C THR B 53 -3.81 32.61 -16.97
N PRO B 54 -4.30 33.84 -17.18
CA PRO B 54 -3.76 35.01 -16.51
C PRO B 54 -4.10 35.10 -15.03
N VAL B 55 -3.35 35.94 -14.32
CA VAL B 55 -3.66 36.20 -12.89
C VAL B 55 -5.07 36.71 -12.81
N GLY B 56 -5.78 36.30 -11.76
CA GLY B 56 -7.15 36.75 -11.50
C GLY B 56 -8.20 35.90 -12.22
N THR B 57 -7.80 34.84 -12.89
CA THR B 57 -8.71 33.98 -13.68
C THR B 57 -8.66 32.54 -13.20
N ALA B 58 -9.62 31.76 -13.69
CA ALA B 58 -9.68 30.32 -13.47
C ALA B 58 -9.93 29.62 -14.81
N LYS B 59 -9.25 28.54 -15.03
CA LYS B 59 -9.41 27.71 -16.24
C LYS B 59 -9.59 26.26 -15.82
N THR B 60 -10.69 25.63 -16.26
CA THR B 60 -10.96 24.23 -15.88
C THR B 60 -10.45 23.29 -16.98
N VAL B 61 -9.75 22.26 -16.58
CA VAL B 61 -9.35 21.13 -17.46
C VAL B 61 -9.91 19.86 -16.82
N MET B 62 -10.68 19.11 -17.64
CA MET B 62 -11.24 17.85 -17.25
C MET B 62 -10.17 16.75 -17.32
N CYS B 63 -9.94 16.11 -16.18
CA CYS B 63 -9.06 14.92 -16.09
C CYS B 63 -9.97 13.70 -16.06
N GLY B 64 -10.36 13.20 -17.24
CA GLY B 64 -11.48 12.25 -17.35
C GLY B 64 -12.78 12.96 -17.05
N THR B 65 -13.56 12.47 -16.07
CA THR B 65 -14.86 13.03 -15.63
C THR B 65 -14.65 14.09 -14.53
N TYR B 66 -13.42 14.21 -14.03
CA TYR B 66 -13.06 14.99 -12.79
C TYR B 66 -12.52 16.37 -13.14
N PRO B 67 -13.25 17.45 -12.82
CA PRO B 67 -12.77 18.79 -13.13
C PRO B 67 -11.67 19.27 -12.18
N VAL B 68 -10.58 19.78 -12.76
CA VAL B 68 -9.51 20.53 -12.07
C VAL B 68 -9.61 21.98 -12.49
N ILE B 69 -9.95 22.85 -11.52
CA ILE B 69 -10.17 24.29 -11.74
C ILE B 69 -8.85 24.99 -11.36
N HIS B 70 -8.08 25.41 -12.36
CA HIS B 70 -6.81 26.10 -12.10
C HIS B 70 -7.09 27.57 -11.82
N ALA B 71 -6.93 27.99 -10.58
CA ALA B 71 -7.24 29.39 -10.15
C ALA B 71 -5.90 30.08 -9.88
N VAL B 72 -5.69 31.20 -10.56
CA VAL B 72 -4.37 31.90 -10.47
C VAL B 72 -4.49 33.15 -9.60
N GLY B 73 -4.08 33.01 -8.34
CA GLY B 73 -3.99 34.14 -7.43
C GLY B 73 -2.71 34.90 -7.71
N PRO B 74 -2.66 36.17 -7.26
CA PRO B 74 -1.47 36.99 -7.43
C PRO B 74 -0.33 36.58 -6.49
N ASN B 75 0.90 36.75 -6.98
CA ASN B 75 2.12 36.63 -6.14
C ASN B 75 2.36 38.01 -5.53
N PHE B 76 2.11 38.16 -4.25
CA PHE B 76 2.32 39.45 -3.55
C PHE B 76 3.82 39.84 -3.53
N SER B 77 4.75 39.01 -3.96
CA SER B 77 6.16 39.45 -4.17
C SER B 77 6.18 40.46 -5.33
N ASN B 78 5.26 40.34 -6.26
CA ASN B 78 5.22 41.11 -7.54
C ASN B 78 4.13 42.18 -7.56
N TYR B 79 2.94 41.90 -7.02
CA TYR B 79 1.80 42.82 -6.97
C TYR B 79 1.89 43.71 -5.73
N THR B 80 1.36 44.93 -5.87
CA THR B 80 1.14 45.79 -4.68
C THR B 80 0.02 45.24 -3.82
N GLU B 81 -0.10 45.71 -2.60
CA GLU B 81 -1.23 45.27 -1.75
C GLU B 81 -2.56 45.61 -2.44
N SER B 82 -2.68 46.77 -3.05
CA SER B 82 -3.93 47.21 -3.69
C SER B 82 -4.26 46.30 -4.90
N GLU B 83 -3.35 46.17 -5.84
CA GLU B 83 -3.63 45.39 -7.06
C GLU B 83 -3.80 43.91 -6.71
N GLY B 84 -2.99 43.38 -5.84
CA GLY B 84 -3.09 41.99 -5.39
C GLY B 84 -4.41 41.72 -4.76
N ASP B 85 -4.95 42.64 -3.95
CA ASP B 85 -6.25 42.37 -3.27
C ASP B 85 -7.34 42.27 -4.33
N ARG B 86 -7.29 43.07 -5.37
CA ARG B 86 -8.31 43.03 -6.43
C ARG B 86 -8.16 41.72 -7.22
N GLU B 87 -6.94 41.31 -7.56
CA GLU B 87 -6.78 40.09 -8.39
C GLU B 87 -7.12 38.84 -7.55
N LEU B 88 -6.87 38.83 -6.27
CA LEU B 88 -7.21 37.68 -5.41
C LEU B 88 -8.73 37.55 -5.34
N ALA B 89 -9.44 38.63 -5.14
CA ALA B 89 -10.93 38.62 -5.17
C ALA B 89 -11.40 38.11 -6.53
N ALA B 90 -10.81 38.56 -7.64
CA ALA B 90 -11.22 38.17 -8.98
C ALA B 90 -11.02 36.67 -9.16
N ALA B 91 -9.89 36.10 -8.75
CA ALA B 91 -9.66 34.65 -8.94
C ALA B 91 -10.76 33.85 -8.27
N TYR B 92 -11.12 34.22 -7.05
CA TYR B 92 -12.21 33.50 -6.34
C TYR B 92 -13.57 33.66 -7.07
N ARG B 93 -13.87 34.86 -7.58
CA ARG B 93 -15.13 35.07 -8.35
C ARG B 93 -15.14 34.13 -9.57
N GLU B 94 -14.01 33.93 -10.26
N GLU B 94 -14.00 33.93 -10.23
N GLU B 94 -14.00 33.93 -10.23
CA GLU B 94 -13.96 33.00 -11.42
CA GLU B 94 -13.96 33.03 -11.41
CA GLU B 94 -13.96 33.03 -11.41
C GLU B 94 -14.15 31.56 -10.94
C GLU B 94 -14.14 31.57 -10.96
C GLU B 94 -14.14 31.57 -10.96
N VAL B 95 -13.60 31.19 -9.80
CA VAL B 95 -13.84 29.85 -9.22
C VAL B 95 -15.36 29.67 -9.01
N ALA B 96 -16.03 30.63 -8.43
CA ALA B 96 -17.49 30.48 -8.19
C ALA B 96 -18.26 30.28 -9.49
N LYS B 97 -17.94 31.04 -10.53
CA LYS B 97 -18.55 30.86 -11.85
C LYS B 97 -18.30 29.45 -12.36
N GLU B 98 -17.08 28.92 -12.29
CA GLU B 98 -16.77 27.59 -12.83
C GLU B 98 -17.48 26.51 -12.02
N VAL B 99 -17.48 26.59 -10.70
CA VAL B 99 -18.19 25.61 -9.86
C VAL B 99 -19.68 25.62 -10.28
N THR B 100 -20.26 26.77 -10.46
CA THR B 100 -21.69 26.89 -10.89
C THR B 100 -21.85 26.22 -12.26
N ARG B 101 -21.04 26.61 -13.21
CA ARG B 101 -21.13 26.08 -14.60
C ARG B 101 -21.06 24.56 -14.60
N LEU B 102 -20.16 23.97 -13.81
CA LEU B 102 -19.90 22.54 -13.81
C LEU B 102 -21.08 21.77 -13.21
N GLY B 103 -21.91 22.41 -12.38
CA GLY B 103 -23.09 21.73 -11.79
C GLY B 103 -22.70 20.77 -10.70
N VAL B 104 -21.48 20.84 -10.16
CA VAL B 104 -21.01 19.96 -9.07
C VAL B 104 -21.77 20.24 -7.77
N ASN B 105 -21.87 19.23 -6.96
CA ASN B 105 -22.46 19.34 -5.61
C ASN B 105 -21.44 19.59 -4.49
N SER B 106 -20.14 19.45 -4.79
CA SER B 106 -19.06 19.72 -3.82
C SER B 106 -17.78 20.16 -4.53
N VAL B 107 -16.93 20.89 -3.81
CA VAL B 107 -15.63 21.38 -4.35
C VAL B 107 -14.66 21.45 -3.19
N ALA B 108 -13.41 21.04 -3.46
CA ALA B 108 -12.25 21.16 -2.58
C ALA B 108 -11.46 22.42 -2.98
N ILE B 109 -11.18 23.29 -2.01
N ILE B 109 -11.25 23.34 -2.03
N ILE B 109 -11.25 23.34 -2.03
CA ILE B 109 -10.56 24.62 -2.32
CA ILE B 109 -10.64 24.68 -2.30
CA ILE B 109 -10.64 24.68 -2.30
C ILE B 109 -9.45 24.93 -1.32
C ILE B 109 -9.49 24.95 -1.33
C ILE B 109 -9.49 24.95 -1.33
N PRO B 110 -8.28 25.38 -1.80
CA PRO B 110 -7.20 25.85 -0.94
C PRO B 110 -7.30 27.36 -0.76
N LEU B 111 -6.53 27.94 0.17
CA LEU B 111 -6.51 29.40 0.37
C LEU B 111 -5.49 30.01 -0.61
N LEU B 112 -5.98 30.58 -1.70
CA LEU B 112 -5.14 31.20 -2.74
C LEU B 112 -4.27 32.29 -2.10
N SER B 113 -3.05 32.39 -2.62
CA SER B 113 -2.05 33.43 -2.31
C SER B 113 -1.56 33.39 -0.84
N THR B 114 -1.65 32.25 -0.14
CA THR B 114 -1.22 32.15 1.29
C THR B 114 0.11 31.40 1.51
N GLY B 115 0.66 30.76 0.48
CA GLY B 115 1.96 30.06 0.61
C GLY B 115 3.07 30.89 0.01
N VAL B 116 3.76 30.34 -0.98
CA VAL B 116 4.90 31.01 -1.66
C VAL B 116 4.44 32.32 -2.32
N TYR B 117 3.13 32.49 -2.62
CA TYR B 117 2.61 33.75 -3.21
C TYR B 117 2.24 34.81 -2.16
N SER B 118 2.48 34.58 -0.86
CA SER B 118 2.03 35.50 0.23
C SER B 118 2.92 36.72 0.39
N GLY B 119 4.07 36.76 -0.30
CA GLY B 119 5.02 37.87 -0.04
C GLY B 119 5.51 37.91 1.39
N GLY B 120 5.53 36.76 2.07
CA GLY B 120 5.94 36.65 3.49
C GLY B 120 4.98 37.22 4.51
N LYS B 121 3.70 37.45 4.19
CA LYS B 121 2.69 37.93 5.15
C LYS B 121 1.69 36.80 5.43
N ASP B 122 1.10 36.81 6.61
CA ASP B 122 -0.05 35.96 6.99
C ASP B 122 -1.29 36.49 6.29
N ARG B 123 -1.81 35.72 5.31
CA ARG B 123 -3.01 36.19 4.55
C ARG B 123 -4.23 35.27 4.78
N LEU B 124 -4.30 34.57 5.91
CA LEU B 124 -5.46 33.69 6.16
C LEU B 124 -6.74 34.51 6.06
N THR B 125 -6.87 35.58 6.84
CA THR B 125 -8.16 36.31 6.92
C THR B 125 -8.49 36.93 5.56
N GLN B 126 -7.51 37.49 4.88
CA GLN B 126 -7.72 38.13 3.54
C GLN B 126 -8.25 37.08 2.56
N SER B 127 -7.55 35.98 2.45
CA SER B 127 -7.86 34.97 1.44
C SER B 127 -9.21 34.33 1.78
N LEU B 128 -9.48 34.03 3.04
CA LEU B 128 -10.77 33.41 3.46
C LEU B 128 -11.92 34.38 3.22
N ASN B 129 -11.70 35.67 3.46
CA ASN B 129 -12.76 36.69 3.22
C ASN B 129 -13.14 36.67 1.73
N HIS B 130 -12.17 36.65 0.82
CA HIS B 130 -12.49 36.68 -0.60
C HIS B 130 -13.10 35.33 -1.04
N LEU B 131 -12.71 34.23 -0.41
CA LEU B 131 -13.32 32.91 -0.73
C LEU B 131 -14.83 32.98 -0.39
N PHE B 132 -15.14 33.42 0.82
CA PHE B 132 -16.56 33.53 1.27
C PHE B 132 -17.31 34.50 0.36
N THR B 133 -16.73 35.67 0.08
CA THR B 133 -17.42 36.66 -0.76
C THR B 133 -17.88 36.02 -2.07
N ALA B 134 -17.03 35.21 -2.70
CA ALA B 134 -17.35 34.56 -3.98
C ALA B 134 -18.28 33.36 -3.82
N MET B 135 -18.01 32.48 -2.86
CA MET B 135 -18.67 31.18 -2.78
C MET B 135 -20.01 31.28 -2.01
N ASP B 136 -20.31 32.37 -1.33
CA ASP B 136 -21.52 32.39 -0.47
C ASP B 136 -22.77 32.23 -1.33
N SER B 137 -22.80 32.76 -2.54
CA SER B 137 -24.01 32.70 -3.41
C SER B 137 -24.11 31.37 -4.16
N THR B 138 -23.12 30.48 -4.10
CA THR B 138 -23.14 29.14 -4.71
C THR B 138 -23.78 28.12 -3.75
N ASP B 139 -24.31 27.02 -4.31
CA ASP B 139 -24.91 25.95 -3.48
C ASP B 139 -24.13 24.67 -3.35
N ALA B 140 -22.86 24.65 -3.78
CA ALA B 140 -21.96 23.49 -3.59
C ALA B 140 -21.51 23.42 -2.13
N ASP B 141 -21.35 22.20 -1.61
CA ASP B 141 -20.66 22.00 -0.35
C ASP B 141 -19.19 22.38 -0.60
N VAL B 142 -18.68 23.29 0.16
CA VAL B 142 -17.26 23.76 0.02
C VAL B 142 -16.46 23.14 1.15
N VAL B 143 -15.34 22.51 0.79
CA VAL B 143 -14.39 21.96 1.79
C VAL B 143 -13.06 22.68 1.57
N ILE B 144 -12.67 23.46 2.58
CA ILE B 144 -11.43 24.28 2.54
C ILE B 144 -10.31 23.40 3.03
N TYR B 145 -9.18 23.36 2.35
CA TYR B 145 -8.00 22.52 2.76
C TYR B 145 -6.91 23.43 3.29
N CYS B 146 -6.16 22.96 4.30
CA CYS B 146 -5.00 23.67 4.88
C CYS B 146 -4.08 22.61 5.46
N ARG B 147 -2.89 23.02 5.84
CA ARG B 147 -1.94 22.05 6.47
C ARG B 147 -1.61 22.43 7.90
N ASP B 148 -1.74 23.68 8.30
CA ASP B 148 -1.25 24.17 9.62
C ASP B 148 -2.37 24.02 10.67
N LYS B 149 -2.04 23.52 11.87
CA LYS B 149 -3.05 23.22 12.92
C LYS B 149 -3.70 24.51 13.43
N GLU B 150 -2.94 25.59 13.57
CA GLU B 150 -3.47 26.90 14.02
C GLU B 150 -4.36 27.49 12.91
N TRP B 151 -3.95 27.39 11.65
CA TRP B 151 -4.81 27.82 10.52
C TRP B 151 -6.13 27.02 10.54
N GLU B 152 -6.07 25.70 10.75
CA GLU B 152 -7.31 24.89 10.80
C GLU B 152 -8.26 25.44 11.88
N LYS B 153 -7.74 25.72 13.08
CA LYS B 153 -8.54 26.25 14.21
C LYS B 153 -9.17 27.58 13.80
N LYS B 154 -8.39 28.51 13.22
CA LYS B 154 -8.92 29.85 12.84
C LYS B 154 -9.95 29.73 11.73
N ILE B 155 -9.72 28.88 10.74
CA ILE B 155 -10.73 28.72 9.65
C ILE B 155 -12.02 28.14 10.23
N SER B 156 -11.92 27.08 11.05
CA SER B 156 -13.09 26.44 11.71
C SER B 156 -13.87 27.50 12.51
N GLU B 157 -13.17 28.33 13.28
CA GLU B 157 -13.78 29.41 14.11
C GLU B 157 -14.52 30.40 13.22
N ALA B 158 -13.93 30.78 12.08
CA ALA B 158 -14.51 31.75 11.14
C ALA B 158 -15.79 31.16 10.53
N ILE B 159 -15.79 29.86 10.18
CA ILE B 159 -16.99 29.19 9.63
C ILE B 159 -18.13 29.17 10.65
N GLN B 160 -17.81 28.74 11.87
CA GLN B 160 -18.82 28.45 12.92
C GLN B 160 -19.47 29.76 13.38
N MET B 161 -18.70 30.85 13.44
CA MET B 161 -19.15 32.19 13.92
C MET B 161 -20.30 32.71 13.06
N ARG B 162 -20.28 32.46 11.75
CA ARG B 162 -21.22 33.09 10.77
C ARG B 162 -22.61 32.47 10.89
N THR B 163 -22.70 31.28 11.50
CA THR B 163 -23.94 30.48 11.64
C THR B 163 -24.53 30.70 13.04
N GLY C 1 -0.64 -13.64 24.49
CA GLY C 1 -1.45 -13.95 23.24
C GLY C 1 -2.33 -15.17 23.44
N ALA C 2 -3.16 -15.50 22.44
CA ALA C 2 -4.02 -16.72 22.42
C ALA C 2 -3.12 -17.96 22.44
N MET C 3 -3.55 -19.02 23.14
N MET C 3 -3.56 -18.99 23.18
N MET C 3 -3.55 -19.02 23.14
CA MET C 3 -2.74 -20.26 23.28
CA MET C 3 -2.88 -20.31 23.33
CA MET C 3 -2.74 -20.26 23.28
C MET C 3 -2.60 -20.96 21.93
C MET C 3 -2.61 -20.91 21.93
C MET C 3 -2.60 -20.96 21.93
N ALA C 4 -3.64 -20.88 21.09
CA ALA C 4 -3.62 -21.38 19.68
C ALA C 4 -4.23 -20.31 18.79
N PRO C 5 -3.46 -19.27 18.42
CA PRO C 5 -4.05 -18.14 17.68
C PRO C 5 -4.87 -18.62 16.47
N SER C 6 -6.10 -18.15 16.33
CA SER C 6 -7.06 -18.53 15.25
C SER C 6 -7.57 -17.32 14.46
N TYR C 7 -8.17 -17.63 13.30
CA TYR C 7 -9.04 -16.71 12.53
C TYR C 7 -10.46 -17.24 12.57
N ARG C 8 -11.46 -16.38 12.72
CA ARG C 8 -12.90 -16.72 12.60
C ARG C 8 -13.66 -15.59 11.89
N VAL C 9 -14.85 -15.87 11.40
CA VAL C 9 -15.72 -14.89 10.71
C VAL C 9 -17.08 -14.94 11.37
N LYS C 10 -17.70 -13.79 11.55
CA LYS C 10 -19.08 -13.62 12.05
C LYS C 10 -19.86 -12.65 11.16
N ARG C 11 -21.10 -13.00 10.89
CA ARG C 11 -22.06 -12.11 10.19
C ARG C 11 -22.92 -11.40 11.23
N MET C 12 -22.45 -10.25 11.74
CA MET C 12 -23.19 -9.45 12.74
C MET C 12 -22.52 -8.08 12.87
N ASP C 13 -23.15 -7.17 13.61
CA ASP C 13 -22.68 -5.79 13.85
C ASP C 13 -21.39 -5.83 14.69
N ILE C 14 -20.30 -5.29 14.15
CA ILE C 14 -18.98 -5.25 14.85
C ILE C 14 -19.10 -4.42 16.13
N ALA C 15 -20.07 -3.51 16.21
CA ALA C 15 -20.32 -2.67 17.40
C ALA C 15 -20.76 -3.54 18.59
N LYS C 16 -21.21 -4.78 18.31
N LYS C 16 -21.20 -4.77 18.31
N LYS C 16 -21.21 -4.78 18.31
CA LYS C 16 -21.66 -5.77 19.33
CA LYS C 16 -21.65 -5.77 19.32
CA LYS C 16 -21.66 -5.77 19.33
C LYS C 16 -20.64 -6.92 19.48
C LYS C 16 -20.65 -6.92 19.44
C LYS C 16 -20.64 -6.92 19.48
N ASN C 17 -19.37 -6.69 19.12
CA ASN C 17 -18.35 -7.77 19.15
C ASN C 17 -18.10 -8.31 20.57
N ASP C 18 -17.55 -9.52 20.61
CA ASP C 18 -17.14 -10.26 21.85
C ASP C 18 -15.62 -10.38 21.98
N GLU C 19 -14.86 -9.42 21.47
CA GLU C 19 -13.41 -9.39 21.54
C GLU C 19 -12.89 -8.25 22.40
N GLU C 20 -11.60 -8.29 22.69
CA GLU C 20 -10.91 -7.41 23.66
C GLU C 20 -10.67 -6.01 23.07
N CYS C 21 -10.79 -5.86 21.73
CA CYS C 21 -10.62 -4.54 21.08
C CYS C 21 -11.23 -4.61 19.70
N VAL C 22 -11.42 -3.42 19.12
CA VAL C 22 -12.14 -3.30 17.83
C VAL C 22 -11.27 -2.46 16.91
N VAL C 23 -11.29 -2.82 15.62
CA VAL C 23 -10.68 -2.01 14.52
C VAL C 23 -11.81 -1.21 13.87
N ASN C 24 -11.66 0.12 13.86
CA ASN C 24 -12.58 1.02 13.15
C ASN C 24 -12.06 1.20 11.71
N ALA C 25 -13.01 1.20 10.79
CA ALA C 25 -12.74 1.62 9.37
C ALA C 25 -12.75 3.15 9.33
N ALA C 26 -11.66 3.76 9.82
CA ALA C 26 -11.57 5.20 10.13
C ALA C 26 -11.30 6.03 8.87
N ASN C 27 -11.40 7.35 9.03
CA ASN C 27 -11.06 8.34 7.96
C ASN C 27 -9.96 9.26 8.47
N PRO C 28 -9.19 9.92 7.57
CA PRO C 28 -8.01 10.69 7.97
C PRO C 28 -8.13 11.75 9.09
N ARG C 29 -9.28 12.40 9.18
CA ARG C 29 -9.49 13.52 10.13
C ARG C 29 -10.30 13.06 11.34
N GLY C 30 -10.56 11.75 11.47
CA GLY C 30 -11.22 11.22 12.69
C GLY C 30 -12.66 11.63 12.84
N LEU C 31 -13.41 11.67 11.75
CA LEU C 31 -14.81 12.09 11.70
C LEU C 31 -15.70 10.87 11.82
N PRO C 32 -16.96 11.06 12.21
CA PRO C 32 -17.88 9.95 12.32
C PRO C 32 -18.03 9.08 11.06
N GLY C 33 -17.96 9.68 9.86
CA GLY C 33 -18.06 8.96 8.59
C GLY C 33 -19.34 8.19 8.38
N ASP C 34 -19.23 7.03 7.74
CA ASP C 34 -20.34 6.18 7.26
C ASP C 34 -20.05 4.69 7.46
N GLY C 35 -21.00 3.83 7.18
CA GLY C 35 -20.73 2.38 7.23
C GLY C 35 -20.27 1.98 8.65
N VAL C 36 -19.23 1.14 8.71
CA VAL C 36 -18.65 0.66 10.01
C VAL C 36 -18.24 1.87 10.85
N CYS C 37 -17.63 2.87 10.22
CA CYS C 37 -17.08 4.02 10.96
C CYS C 37 -18.19 4.67 11.81
N LYS C 38 -19.36 4.85 11.20
CA LYS C 38 -20.52 5.50 11.89
C LYS C 38 -20.98 4.62 13.06
N ALA C 39 -21.04 3.29 12.86
CA ALA C 39 -21.44 2.34 13.93
C ALA C 39 -20.45 2.43 15.08
N VAL C 40 -19.17 2.49 14.78
CA VAL C 40 -18.13 2.65 15.83
C VAL C 40 -18.29 4.00 16.55
N TYR C 41 -18.60 5.08 15.83
CA TYR C 41 -18.78 6.42 16.46
C TYR C 41 -19.98 6.40 17.43
N LYS C 42 -21.06 5.69 17.11
CA LYS C 42 -22.26 5.62 17.97
C LYS C 42 -21.91 4.83 19.24
N LYS C 43 -21.15 3.74 19.11
CA LYS C 43 -20.86 2.83 20.25
C LYS C 43 -19.75 3.38 21.12
N TRP C 44 -18.70 3.99 20.54
CA TRP C 44 -17.49 4.41 21.27
C TRP C 44 -17.09 5.83 20.86
N PRO C 45 -17.97 6.84 21.04
CA PRO C 45 -17.66 8.20 20.57
C PRO C 45 -16.47 8.85 21.25
N GLU C 46 -16.22 8.50 22.54
CA GLU C 46 -15.07 8.99 23.31
C GLU C 46 -13.75 8.59 22.66
N SER C 47 -13.74 7.54 21.82
CA SER C 47 -12.50 7.02 21.18
C SER C 47 -12.13 7.87 19.96
N PHE C 48 -12.92 8.89 19.65
CA PHE C 48 -12.59 9.82 18.53
C PHE C 48 -11.90 11.11 18.96
N LYS C 49 -11.46 11.18 20.22
CA LYS C 49 -10.65 12.31 20.74
C LYS C 49 -9.25 12.22 20.13
N ASN C 50 -8.91 13.16 19.25
CA ASN C 50 -7.57 13.20 18.60
C ASN C 50 -7.29 11.86 17.90
N SER C 51 -8.29 11.29 17.25
CA SER C 51 -8.08 10.00 16.51
C SER C 51 -7.60 10.22 15.06
N ALA C 52 -7.49 11.46 14.56
CA ALA C 52 -7.06 11.70 13.17
C ALA C 52 -5.70 11.06 12.93
N THR C 53 -5.52 10.38 11.76
CA THR C 53 -4.24 9.70 11.41
C THR C 53 -4.24 9.59 9.90
N PRO C 54 -3.07 9.63 9.22
CA PRO C 54 -3.09 9.57 7.74
C PRO C 54 -3.56 8.22 7.15
N VAL C 55 -3.97 8.26 5.90
CA VAL C 55 -4.28 7.04 5.11
C VAL C 55 -3.07 6.12 5.20
N GLY C 56 -3.29 4.80 5.37
CA GLY C 56 -2.25 3.77 5.49
C GLY C 56 -1.66 3.63 6.89
N THR C 57 -2.28 4.28 7.87
CA THR C 57 -1.83 4.22 9.29
C THR C 57 -2.99 3.83 10.18
N ALA C 58 -2.64 3.53 11.44
CA ALA C 58 -3.68 3.26 12.45
C ALA C 58 -3.24 3.96 13.74
N LYS C 59 -4.22 4.39 14.51
CA LYS C 59 -3.98 5.08 15.80
C LYS C 59 -5.02 4.59 16.81
N THR C 60 -4.55 4.16 18.00
CA THR C 60 -5.46 3.57 19.02
C THR C 60 -5.89 4.66 19.98
N VAL C 61 -7.18 4.76 20.20
CA VAL C 61 -7.73 5.61 21.30
C VAL C 61 -8.66 4.74 22.15
N MET C 62 -8.54 4.89 23.47
CA MET C 62 -9.36 4.17 24.46
C MET C 62 -10.73 4.82 24.58
N CYS C 63 -11.72 3.99 24.74
CA CYS C 63 -13.05 4.39 25.22
C CYS C 63 -13.24 3.75 26.59
N GLY C 64 -13.02 4.51 27.68
CA GLY C 64 -12.81 3.87 29.00
C GLY C 64 -11.51 3.11 29.01
N THR C 65 -11.54 1.77 29.09
CA THR C 65 -10.35 0.94 28.95
C THR C 65 -10.46 0.11 27.63
N TYR C 66 -11.51 0.31 26.84
CA TYR C 66 -11.79 -0.58 25.64
C TYR C 66 -11.08 0.03 24.42
N PRO C 67 -10.03 -0.60 23.85
CA PRO C 67 -9.25 0.04 22.78
C PRO C 67 -9.98 -0.01 21.43
N VAL C 68 -10.02 1.16 20.78
CA VAL C 68 -10.52 1.32 19.39
C VAL C 68 -9.31 1.66 18.53
N ILE C 69 -8.99 0.78 17.59
CA ILE C 69 -7.84 0.96 16.69
C ILE C 69 -8.39 1.60 15.41
N HIS C 70 -8.10 2.90 15.21
CA HIS C 70 -8.66 3.62 14.05
C HIS C 70 -7.73 3.39 12.86
N ALA C 71 -8.14 2.50 11.92
CA ALA C 71 -7.28 2.12 10.77
C ALA C 71 -7.85 2.81 9.52
N VAL C 72 -7.00 3.60 8.87
CA VAL C 72 -7.46 4.40 7.71
C VAL C 72 -7.02 3.78 6.38
N GLY C 73 -7.90 2.94 5.85
CA GLY C 73 -7.72 2.40 4.49
C GLY C 73 -8.10 3.48 3.50
N PRO C 74 -7.62 3.32 2.26
CA PRO C 74 -8.03 4.24 1.20
C PRO C 74 -9.48 4.06 0.78
N ASN C 75 -10.07 5.16 0.34
CA ASN C 75 -11.37 5.17 -0.34
C ASN C 75 -11.07 5.09 -1.85
N PHE C 76 -11.36 3.94 -2.47
CA PHE C 76 -11.02 3.67 -3.90
C PHE C 76 -11.84 4.58 -4.82
N SER C 77 -12.78 5.36 -4.29
CA SER C 77 -13.38 6.44 -5.11
C SER C 77 -12.34 7.51 -5.44
N ASN C 78 -11.31 7.67 -4.59
CA ASN C 78 -10.34 8.79 -4.63
C ASN C 78 -8.91 8.29 -4.88
N TYR C 79 -8.67 6.98 -4.87
CA TYR C 79 -7.33 6.41 -5.04
C TYR C 79 -7.34 5.57 -6.30
N THR C 80 -6.23 5.60 -7.00
CA THR C 80 -6.05 4.63 -8.12
C THR C 80 -5.86 3.21 -7.62
N GLU C 81 -6.04 2.21 -8.46
CA GLU C 81 -5.82 0.82 -8.00
C GLU C 81 -4.40 0.65 -7.46
N SER C 82 -3.41 1.23 -8.13
CA SER C 82 -2.00 1.10 -7.67
C SER C 82 -1.81 1.78 -6.30
N GLU C 83 -2.15 3.04 -6.19
CA GLU C 83 -1.84 3.77 -4.95
C GLU C 83 -2.69 3.21 -3.82
N GLY C 84 -3.95 2.90 -4.09
CA GLY C 84 -4.84 2.34 -3.03
C GLY C 84 -4.36 0.99 -2.57
N ASP C 85 -3.82 0.13 -3.45
CA ASP C 85 -3.40 -1.22 -3.00
C ASP C 85 -2.29 -1.06 -1.98
N ARG C 86 -1.34 -0.15 -2.20
CA ARG C 86 -0.19 0.02 -1.30
C ARG C 86 -0.72 0.58 0.04
N GLU C 87 -1.62 1.53 0.02
CA GLU C 87 -2.11 2.12 1.30
C GLU C 87 -2.95 1.09 2.06
N LEU C 88 -3.71 0.26 1.39
CA LEU C 88 -4.55 -0.77 2.07
C LEU C 88 -3.62 -1.72 2.80
N ALA C 89 -2.58 -2.21 2.14
CA ALA C 89 -1.63 -3.14 2.79
C ALA C 89 -1.00 -2.43 4.00
N ALA C 90 -0.65 -1.15 3.89
CA ALA C 90 0.03 -0.39 4.96
C ALA C 90 -0.93 -0.25 6.17
N ALA C 91 -2.18 0.05 5.94
CA ALA C 91 -3.17 0.24 7.03
C ALA C 91 -3.27 -1.06 7.85
N TYR C 92 -3.37 -2.21 7.18
CA TYR C 92 -3.44 -3.51 7.90
C TYR C 92 -2.13 -3.76 8.67
N ARG C 93 -0.96 -3.44 8.12
N ARG C 93 -0.96 -3.43 8.12
N ARG C 93 -0.96 -3.44 8.12
CA ARG C 93 0.32 -3.65 8.86
CA ARG C 93 0.32 -3.64 8.86
CA ARG C 93 0.32 -3.65 8.86
C ARG C 93 0.31 -2.82 10.15
C ARG C 93 0.30 -2.83 10.16
C ARG C 93 0.30 -2.83 10.16
N GLU C 94 -0.25 -1.62 10.11
CA GLU C 94 -0.32 -0.76 11.32
C GLU C 94 -1.33 -1.37 12.30
N VAL C 95 -2.39 -2.01 11.82
CA VAL C 95 -3.35 -2.72 12.74
C VAL C 95 -2.57 -3.79 13.51
N ALA C 96 -1.73 -4.57 12.82
CA ALA C 96 -0.90 -5.64 13.43
C ALA C 96 -0.02 -5.03 14.54
N LYS C 97 0.60 -3.88 14.27
CA LYS C 97 1.50 -3.20 15.24
C LYS C 97 0.69 -2.73 16.46
N GLU C 98 -0.50 -2.18 16.24
CA GLU C 98 -1.38 -1.70 17.36
C GLU C 98 -1.86 -2.89 18.16
N VAL C 99 -2.37 -3.92 17.52
CA VAL C 99 -2.85 -5.10 18.28
C VAL C 99 -1.71 -5.64 19.14
N THR C 100 -0.49 -5.74 18.62
CA THR C 100 0.70 -6.25 19.35
C THR C 100 0.99 -5.33 20.54
N ARG C 101 1.03 -4.05 20.29
CA ARG C 101 1.42 -3.01 21.30
C ARG C 101 0.43 -3.14 22.48
N LEU C 102 -0.85 -3.43 22.21
CA LEU C 102 -1.91 -3.46 23.27
C LEU C 102 -1.78 -4.73 24.12
N GLY C 103 -1.17 -5.80 23.62
CA GLY C 103 -1.10 -7.11 24.31
C GLY C 103 -2.43 -7.80 24.45
N VAL C 104 -3.44 -7.44 23.67
CA VAL C 104 -4.76 -8.12 23.67
C VAL C 104 -4.65 -9.56 23.16
N ASN C 105 -5.61 -10.40 23.55
CA ASN C 105 -5.67 -11.81 23.11
C ASN C 105 -6.66 -12.02 21.96
N SER C 106 -7.45 -10.99 21.63
CA SER C 106 -8.48 -11.06 20.55
C SER C 106 -8.78 -9.67 20.01
N VAL C 107 -9.22 -9.62 18.75
CA VAL C 107 -9.51 -8.36 18.01
C VAL C 107 -10.65 -8.61 17.04
N ALA C 108 -11.62 -7.70 16.96
CA ALA C 108 -12.73 -7.65 15.99
C ALA C 108 -12.31 -6.72 14.86
N ILE C 109 -12.28 -7.24 13.62
N ILE C 109 -12.46 -7.19 13.62
N ILE C 109 -12.28 -7.24 13.62
CA ILE C 109 -11.76 -6.48 12.43
CA ILE C 109 -11.90 -6.46 12.45
CA ILE C 109 -11.76 -6.48 12.43
C ILE C 109 -12.81 -6.52 11.31
C ILE C 109 -12.91 -6.52 11.32
C ILE C 109 -12.81 -6.52 11.31
N PRO C 110 -13.11 -5.38 10.66
CA PRO C 110 -13.88 -5.35 9.41
C PRO C 110 -12.94 -5.46 8.20
N LEU C 111 -13.48 -5.74 7.02
CA LEU C 111 -12.67 -5.72 5.77
C LEU C 111 -12.50 -4.27 5.30
N LEU C 112 -11.33 -3.70 5.56
CA LEU C 112 -11.05 -2.30 5.21
C LEU C 112 -11.17 -2.12 3.70
N SER C 113 -11.64 -0.95 3.32
CA SER C 113 -11.70 -0.46 1.93
C SER C 113 -12.75 -1.25 1.10
N THR C 114 -13.71 -1.87 1.78
CA THR C 114 -14.92 -2.42 1.12
C THR C 114 -16.09 -1.48 1.41
N GLY C 115 -17.30 -1.89 1.03
CA GLY C 115 -18.52 -1.11 1.25
C GLY C 115 -18.36 0.32 0.75
N VAL C 116 -18.57 1.32 1.61
CA VAL C 116 -18.56 2.75 1.19
C VAL C 116 -17.17 3.19 0.68
N TYR C 117 -16.09 2.45 0.94
CA TYR C 117 -14.75 2.82 0.42
C TYR C 117 -14.36 1.93 -0.77
N SER C 118 -15.26 1.14 -1.33
CA SER C 118 -14.90 0.15 -2.40
C SER C 118 -14.68 0.80 -3.77
N GLY C 119 -15.16 2.01 -4.00
CA GLY C 119 -15.23 2.58 -5.37
C GLY C 119 -16.13 1.75 -6.28
N GLY C 120 -17.08 0.98 -5.71
CA GLY C 120 -18.03 0.17 -6.50
C GLY C 120 -17.49 -1.16 -6.94
N LYS C 121 -16.29 -1.59 -6.51
CA LYS C 121 -15.72 -2.89 -6.91
C LYS C 121 -15.79 -3.88 -5.73
N ASP C 122 -15.95 -5.18 -6.03
CA ASP C 122 -15.88 -6.25 -5.01
C ASP C 122 -14.42 -6.43 -4.63
N ARG C 123 -14.07 -6.12 -3.36
CA ARG C 123 -12.68 -6.17 -2.89
C ARG C 123 -12.52 -7.18 -1.73
N LEU C 124 -13.40 -8.18 -1.65
CA LEU C 124 -13.23 -9.21 -0.58
C LEU C 124 -11.83 -9.84 -0.64
N THR C 125 -11.43 -10.41 -1.79
CA THR C 125 -10.16 -11.14 -1.89
C THR C 125 -9.00 -10.20 -1.60
N GLN C 126 -9.03 -9.00 -2.18
CA GLN C 126 -7.92 -8.04 -1.98
C GLN C 126 -7.80 -7.69 -0.46
N SER C 127 -8.91 -7.31 0.12
CA SER C 127 -8.89 -6.83 1.51
C SER C 127 -8.49 -7.98 2.46
N LEU C 128 -9.06 -9.15 2.23
CA LEU C 128 -8.71 -10.34 3.06
C LEU C 128 -7.24 -10.75 2.89
N ASN C 129 -6.69 -10.69 1.68
CA ASN C 129 -5.27 -11.01 1.46
C ASN C 129 -4.39 -10.09 2.29
N HIS C 130 -4.64 -8.78 2.26
CA HIS C 130 -3.81 -7.82 3.01
C HIS C 130 -4.01 -8.02 4.54
N LEU C 131 -5.23 -8.39 4.95
CA LEU C 131 -5.51 -8.71 6.38
C LEU C 131 -4.61 -9.87 6.83
N PHE C 132 -4.57 -10.97 6.07
CA PHE C 132 -3.77 -12.16 6.43
C PHE C 132 -2.28 -11.81 6.42
N THR C 133 -1.81 -11.07 5.41
CA THR C 133 -0.37 -10.70 5.29
C THR C 133 0.11 -9.98 6.57
N ALA C 134 -0.72 -9.11 7.14
CA ALA C 134 -0.36 -8.31 8.34
C ALA C 134 -0.53 -9.14 9.61
N MET C 135 -1.63 -9.89 9.74
CA MET C 135 -2.05 -10.47 11.04
C MET C 135 -1.46 -11.87 11.22
N ASP C 136 -0.94 -12.51 10.17
CA ASP C 136 -0.41 -13.89 10.32
C ASP C 136 0.67 -13.97 11.38
N SER C 137 1.49 -12.93 11.55
CA SER C 137 2.66 -12.94 12.47
C SER C 137 2.22 -12.53 13.89
N THR C 138 0.96 -12.19 14.08
CA THR C 138 0.40 -11.85 15.44
C THR C 138 -0.17 -13.09 16.12
N ASP C 139 -0.26 -13.04 17.46
CA ASP C 139 -0.76 -14.21 18.26
C ASP C 139 -2.14 -13.91 18.79
N ALA C 140 -2.79 -12.85 18.38
CA ALA C 140 -4.19 -12.60 18.82
C ALA C 140 -5.15 -13.46 18.03
N ASP C 141 -6.23 -13.89 18.67
CA ASP C 141 -7.44 -14.43 17.99
C ASP C 141 -8.08 -13.31 17.17
N VAL C 142 -8.26 -13.53 15.87
CA VAL C 142 -8.82 -12.50 14.95
C VAL C 142 -10.21 -12.92 14.58
N VAL C 143 -11.21 -12.06 14.75
CA VAL C 143 -12.61 -12.27 14.39
C VAL C 143 -13.01 -11.23 13.35
N ILE C 144 -13.27 -11.69 12.13
CA ILE C 144 -13.64 -10.83 10.97
C ILE C 144 -15.17 -10.66 10.96
N TYR C 145 -15.66 -9.42 10.92
CA TYR C 145 -17.11 -9.10 10.90
C TYR C 145 -17.53 -8.68 9.50
N CYS C 146 -18.62 -9.25 9.00
CA CYS C 146 -19.25 -8.88 7.70
C CYS C 146 -20.77 -8.83 7.86
N ARG C 147 -21.47 -8.37 6.82
N ARG C 147 -21.48 -8.31 6.86
N ARG C 147 -21.49 -8.33 6.85
CA ARG C 147 -22.94 -8.15 6.83
CA ARG C 147 -22.98 -8.21 6.84
CA ARG C 147 -22.97 -8.20 6.87
C ARG C 147 -23.62 -8.88 5.66
C ARG C 147 -23.55 -9.24 5.86
C ARG C 147 -23.63 -8.91 5.68
N ASP C 148 -22.85 -9.48 4.75
CA ASP C 148 -23.38 -10.27 3.59
C ASP C 148 -23.15 -11.78 3.74
N LYS C 149 -24.18 -12.57 3.41
CA LYS C 149 -24.19 -14.05 3.58
C LYS C 149 -23.20 -14.69 2.60
N GLU C 150 -23.10 -14.16 1.37
CA GLU C 150 -22.15 -14.69 0.35
C GLU C 150 -20.72 -14.40 0.78
N TRP C 151 -20.46 -13.19 1.25
CA TRP C 151 -19.11 -12.87 1.79
C TRP C 151 -18.80 -13.76 3.00
N GLU C 152 -19.75 -13.94 3.93
CA GLU C 152 -19.47 -14.81 5.09
C GLU C 152 -18.97 -16.19 4.64
N LYS C 153 -19.64 -16.78 3.64
CA LYS C 153 -19.29 -18.12 3.08
C LYS C 153 -17.87 -18.12 2.50
N LYS C 154 -17.54 -17.11 1.70
CA LYS C 154 -16.22 -17.01 1.05
C LYS C 154 -15.11 -16.80 2.07
N ILE C 155 -15.32 -15.92 3.07
CA ILE C 155 -14.27 -15.68 4.11
C ILE C 155 -14.01 -16.97 4.88
N SER C 156 -15.07 -17.67 5.26
CA SER C 156 -15.00 -18.96 5.99
C SER C 156 -14.17 -19.96 5.16
N GLU C 157 -14.48 -20.09 3.87
CA GLU C 157 -13.76 -21.00 2.93
C GLU C 157 -12.27 -20.61 2.91
N ALA C 158 -11.96 -19.32 2.78
CA ALA C 158 -10.58 -18.80 2.69
C ALA C 158 -9.80 -19.17 3.96
N ILE C 159 -10.43 -19.06 5.14
CA ILE C 159 -9.78 -19.36 6.45
C ILE C 159 -9.45 -20.86 6.49
N GLN C 160 -10.43 -21.71 6.16
CA GLN C 160 -10.33 -23.20 6.25
C GLN C 160 -9.35 -23.76 5.21
N MET C 161 -9.15 -23.06 4.08
CA MET C 161 -8.20 -23.47 3.00
C MET C 161 -6.79 -23.62 3.57
N ARG C 162 -6.42 -22.79 4.56
CA ARG C 162 -5.01 -22.67 5.08
C ARG C 162 -4.83 -23.53 6.34
N THR C 163 -5.90 -24.12 6.86
CA THR C 163 -5.89 -25.00 8.07
C THR C 163 -5.64 -26.45 7.65
N PRO D 5 27.69 -26.86 26.86
CA PRO D 5 27.43 -27.19 25.45
C PRO D 5 28.58 -26.82 24.52
N SER D 6 28.48 -27.22 23.25
N SER D 6 28.48 -27.22 23.24
N SER D 6 28.48 -27.22 23.25
CA SER D 6 29.44 -26.91 22.16
CA SER D 6 29.43 -26.93 22.15
CA SER D 6 29.44 -26.91 22.16
C SER D 6 28.70 -26.20 21.02
C SER D 6 28.70 -26.22 21.00
C SER D 6 28.70 -26.20 21.02
N TYR D 7 29.37 -25.30 20.30
CA TYR D 7 28.75 -24.52 19.20
C TYR D 7 29.54 -24.66 17.90
N ARG D 8 28.79 -24.89 16.81
CA ARG D 8 29.31 -24.92 15.42
C ARG D 8 28.31 -24.16 14.54
N VAL D 9 28.75 -23.76 13.35
CA VAL D 9 27.89 -23.06 12.36
C VAL D 9 28.02 -23.81 11.04
N LYS D 10 26.92 -23.97 10.34
CA LYS D 10 26.89 -24.56 8.99
C LYS D 10 26.10 -23.60 8.11
N ARG D 11 26.63 -23.29 6.92
CA ARG D 11 25.88 -22.58 5.85
C ARG D 11 25.19 -23.63 4.98
N MET D 12 23.96 -23.99 5.33
CA MET D 12 23.19 -25.00 4.58
C MET D 12 21.76 -24.93 5.08
N ASP D 13 20.86 -25.57 4.34
CA ASP D 13 19.41 -25.70 4.63
C ASP D 13 19.24 -26.49 5.93
N ILE D 14 18.62 -25.90 6.95
CA ILE D 14 18.42 -26.55 8.27
C ILE D 14 17.52 -27.78 8.09
N ALA D 15 16.73 -27.84 7.01
CA ALA D 15 15.88 -29.00 6.66
C ALA D 15 16.76 -30.23 6.37
N LYS D 16 18.07 -30.04 6.13
CA LYS D 16 19.04 -31.14 5.86
C LYS D 16 20.04 -31.29 7.01
N ASN D 17 19.67 -30.90 8.22
CA ASN D 17 20.58 -30.95 9.38
C ASN D 17 21.00 -32.38 9.75
N ASP D 18 22.13 -32.50 10.44
CA ASP D 18 22.72 -33.79 10.90
C ASP D 18 22.59 -33.89 12.42
N GLU D 19 21.54 -33.33 13.05
CA GLU D 19 21.41 -33.34 14.52
C GLU D 19 20.14 -34.12 14.95
N GLU D 20 20.00 -34.38 16.24
CA GLU D 20 18.94 -35.26 16.77
C GLU D 20 17.57 -34.58 16.81
N CYS D 21 17.50 -33.25 16.65
CA CYS D 21 16.24 -32.49 16.64
C CYS D 21 16.50 -31.13 16.00
N VAL D 22 15.42 -30.46 15.62
CA VAL D 22 15.50 -29.18 14.89
C VAL D 22 14.62 -28.17 15.61
N VAL D 23 15.03 -26.91 15.53
CA VAL D 23 14.22 -25.78 16.02
C VAL D 23 13.65 -25.09 14.78
N ASN D 24 12.34 -25.00 14.70
CA ASN D 24 11.67 -24.23 13.63
C ASN D 24 11.60 -22.77 14.07
N ALA D 25 11.89 -21.86 13.14
CA ALA D 25 11.58 -20.42 13.24
C ALA D 25 10.09 -20.24 12.88
N ALA D 26 9.22 -20.57 13.81
CA ALA D 26 7.78 -20.71 13.56
C ALA D 26 7.04 -19.38 13.56
N ASN D 27 5.85 -19.35 12.98
CA ASN D 27 4.83 -18.28 13.23
C ASN D 27 3.87 -18.74 14.30
N PRO D 28 3.17 -17.81 14.96
CA PRO D 28 2.30 -18.18 16.03
C PRO D 28 1.07 -19.04 15.66
N ARG D 29 0.74 -19.13 14.37
CA ARG D 29 -0.52 -19.74 13.87
C ARG D 29 -0.27 -21.15 13.34
N GLY D 30 0.98 -21.60 13.28
CA GLY D 30 1.29 -22.94 12.73
C GLY D 30 1.09 -23.03 11.24
N LEU D 31 1.19 -21.89 10.54
CA LEU D 31 1.09 -21.82 9.06
C LEU D 31 2.42 -22.24 8.45
N PRO D 32 2.42 -22.76 7.20
CA PRO D 32 3.64 -23.10 6.48
C PRO D 32 4.65 -21.95 6.39
N GLY D 33 4.17 -20.73 6.13
CA GLY D 33 4.96 -19.49 6.20
C GLY D 33 6.01 -19.39 5.11
N ASP D 34 7.17 -18.81 5.44
CA ASP D 34 8.28 -18.49 4.50
C ASP D 34 9.61 -18.69 5.23
N GLY D 35 10.72 -18.62 4.49
CA GLY D 35 12.09 -18.84 5.01
C GLY D 35 12.23 -20.23 5.59
N VAL D 36 12.91 -20.35 6.73
CA VAL D 36 13.16 -21.62 7.46
C VAL D 36 11.82 -22.34 7.67
N CYS D 37 10.78 -21.62 8.08
CA CYS D 37 9.46 -22.22 8.39
C CYS D 37 8.91 -23.03 7.20
N LYS D 38 8.98 -22.50 5.98
CA LYS D 38 8.46 -23.17 4.76
C LYS D 38 9.29 -24.43 4.45
N ALA D 39 10.60 -24.35 4.64
CA ALA D 39 11.53 -25.49 4.43
C ALA D 39 11.24 -26.58 5.47
N VAL D 40 10.97 -26.18 6.71
CA VAL D 40 10.61 -27.11 7.82
C VAL D 40 9.25 -27.75 7.48
N TYR D 41 8.31 -26.97 6.94
CA TYR D 41 6.96 -27.50 6.56
C TYR D 41 7.07 -28.58 5.46
N LYS D 42 7.91 -28.33 4.45
CA LYS D 42 8.14 -29.27 3.32
C LYS D 42 8.75 -30.57 3.86
N LYS D 43 9.75 -30.47 4.73
CA LYS D 43 10.48 -31.67 5.25
C LYS D 43 9.71 -32.44 6.32
N TRP D 44 9.03 -31.76 7.24
CA TRP D 44 8.37 -32.40 8.39
C TRP D 44 6.94 -31.88 8.54
N PRO D 45 6.06 -32.02 7.52
CA PRO D 45 4.72 -31.45 7.57
C PRO D 45 3.90 -31.98 8.75
N GLU D 46 4.11 -33.25 9.13
CA GLU D 46 3.33 -33.90 10.22
C GLU D 46 3.56 -33.16 11.54
N SER D 47 4.70 -32.46 11.69
CA SER D 47 5.06 -31.72 12.92
C SER D 47 4.20 -30.45 13.07
N PHE D 48 3.42 -30.08 12.05
CA PHE D 48 2.53 -28.88 12.13
C PHE D 48 1.11 -29.16 12.68
N LYS D 49 0.88 -30.40 13.13
CA LYS D 49 -0.39 -30.76 13.81
C LYS D 49 -0.43 -30.06 15.17
N ASN D 50 -1.30 -29.04 15.31
CA ASN D 50 -1.48 -28.30 16.58
C ASN D 50 -0.15 -27.72 17.06
N SER D 51 0.61 -27.13 16.12
CA SER D 51 1.93 -26.50 16.38
C SER D 51 1.74 -25.03 16.80
N ALA D 52 0.57 -24.43 16.55
CA ALA D 52 0.29 -23.01 16.90
C ALA D 52 0.63 -22.78 18.37
N THR D 53 1.26 -21.64 18.69
CA THR D 53 1.74 -21.36 20.05
C THR D 53 2.04 -19.86 20.12
N PRO D 54 1.91 -19.20 21.29
CA PRO D 54 2.15 -17.76 21.35
C PRO D 54 3.59 -17.33 21.07
N VAL D 55 3.74 -16.03 20.73
CA VAL D 55 5.10 -15.43 20.68
C VAL D 55 5.83 -15.62 22.00
N GLY D 56 7.14 -15.89 21.97
CA GLY D 56 7.98 -16.10 23.15
C GLY D 56 7.89 -17.51 23.73
N THR D 57 7.21 -18.44 23.02
CA THR D 57 7.03 -19.84 23.49
C THR D 57 7.62 -20.82 22.48
N ALA D 58 7.81 -22.04 22.95
CA ALA D 58 8.27 -23.15 22.09
C ALA D 58 7.32 -24.31 22.33
N LYS D 59 6.94 -25.01 21.26
CA LYS D 59 6.03 -26.18 21.32
C LYS D 59 6.64 -27.28 20.46
N THR D 60 6.92 -28.44 21.05
CA THR D 60 7.56 -29.60 20.37
C THR D 60 6.46 -30.52 19.81
N VAL D 61 6.54 -30.82 18.52
CA VAL D 61 5.67 -31.84 17.86
C VAL D 61 6.58 -32.83 17.12
N MET D 62 6.32 -34.12 17.29
N MET D 62 6.42 -34.13 17.37
N MET D 62 6.32 -34.12 17.30
CA MET D 62 7.12 -35.19 16.66
CA MET D 62 7.24 -35.17 16.69
CA MET D 62 7.12 -35.19 16.66
C MET D 62 6.71 -35.32 15.20
C MET D 62 6.76 -35.34 15.24
C MET D 62 6.71 -35.32 15.19
N CYS D 63 7.70 -35.52 14.32
CA CYS D 63 7.52 -36.05 12.96
C CYS D 63 8.11 -37.47 12.96
N GLY D 64 7.27 -38.49 13.07
CA GLY D 64 7.79 -39.85 13.34
C GLY D 64 8.32 -39.84 14.75
N THR D 65 9.62 -40.08 14.97
CA THR D 65 10.31 -39.94 16.27
C THR D 65 11.24 -38.70 16.27
N TYR D 66 11.24 -37.91 15.21
CA TYR D 66 12.15 -36.75 15.06
C TYR D 66 11.48 -35.50 15.65
N PRO D 67 12.04 -34.91 16.73
CA PRO D 67 11.39 -33.76 17.37
C PRO D 67 11.60 -32.43 16.61
N VAL D 68 10.50 -31.75 16.35
CA VAL D 68 10.51 -30.37 15.76
C VAL D 68 10.06 -29.43 16.88
N ILE D 69 10.97 -28.57 17.34
CA ILE D 69 10.71 -27.58 18.42
C ILE D 69 10.29 -26.28 17.74
N HIS D 70 8.99 -25.98 17.69
CA HIS D 70 8.46 -24.77 17.03
C HIS D 70 8.69 -23.60 18.00
N ALA D 71 9.64 -22.71 17.68
CA ALA D 71 10.02 -21.56 18.53
C ALA D 71 9.52 -20.28 17.89
N VAL D 72 8.64 -19.55 18.56
CA VAL D 72 8.04 -18.33 17.98
C VAL D 72 8.77 -17.06 18.49
N GLY D 73 9.72 -16.58 17.69
CA GLY D 73 10.35 -15.29 17.98
C GLY D 73 9.40 -14.18 17.59
N PRO D 74 9.61 -12.98 18.18
CA PRO D 74 8.81 -11.84 17.80
C PRO D 74 9.10 -11.32 16.38
N ASN D 75 8.06 -10.80 15.74
CA ASN D 75 8.19 -10.05 14.47
C ASN D 75 8.44 -8.59 14.87
N PHE D 76 9.66 -8.12 14.64
CA PHE D 76 10.01 -6.71 14.97
C PHE D 76 9.29 -5.70 14.07
N SER D 77 8.58 -6.10 13.02
CA SER D 77 7.61 -5.18 12.36
C SER D 77 6.48 -4.82 13.30
N ASN D 78 6.14 -5.69 14.27
CA ASN D 78 4.97 -5.50 15.15
C ASN D 78 5.43 -5.06 16.56
N TYR D 79 6.50 -5.64 17.12
CA TYR D 79 6.98 -5.36 18.51
C TYR D 79 7.87 -4.11 18.48
N THR D 80 7.81 -3.33 19.56
CA THR D 80 8.86 -2.35 19.87
C THR D 80 10.19 -3.04 20.13
N GLU D 81 11.30 -2.32 20.04
CA GLU D 81 12.62 -2.87 20.35
C GLU D 81 12.64 -3.46 21.76
N SER D 82 12.09 -2.72 22.72
CA SER D 82 12.09 -3.13 24.14
C SER D 82 11.32 -4.44 24.32
N GLU D 83 10.07 -4.51 23.87
CA GLU D 83 9.19 -5.68 24.16
C GLU D 83 9.67 -6.87 23.31
N GLY D 84 10.12 -6.61 22.08
CA GLY D 84 10.68 -7.64 21.18
C GLY D 84 11.92 -8.28 21.79
N ASP D 85 12.80 -7.48 22.41
CA ASP D 85 14.02 -8.05 23.01
C ASP D 85 13.65 -9.07 24.09
N ARG D 86 12.67 -8.76 24.93
N ARG D 86 12.67 -8.76 24.93
N ARG D 86 12.65 -8.77 24.90
CA ARG D 86 12.16 -9.67 25.99
CA ARG D 86 12.16 -9.67 25.99
CA ARG D 86 12.16 -9.66 25.99
C ARG D 86 11.65 -10.97 25.35
C ARG D 86 11.65 -10.97 25.35
C ARG D 86 11.60 -10.96 25.38
N GLU D 87 10.76 -10.85 24.36
CA GLU D 87 10.11 -12.02 23.71
C GLU D 87 11.18 -12.85 23.02
N LEU D 88 12.23 -12.26 22.44
CA LEU D 88 13.28 -13.07 21.75
C LEU D 88 14.06 -13.86 22.81
N ALA D 89 14.41 -13.24 23.93
CA ALA D 89 15.04 -13.93 25.06
C ALA D 89 14.17 -15.11 25.51
N ALA D 90 12.86 -14.89 25.64
CA ALA D 90 11.89 -15.89 26.15
C ALA D 90 11.84 -17.10 25.20
N ALA D 91 11.76 -16.86 23.89
CA ALA D 91 11.68 -17.94 22.88
C ALA D 91 12.91 -18.85 23.02
N TYR D 92 14.10 -18.28 23.13
CA TYR D 92 15.34 -19.09 23.27
C TYR D 92 15.36 -19.85 24.62
N ARG D 93 14.94 -19.20 25.71
CA ARG D 93 14.82 -19.85 27.03
C ARG D 93 13.89 -21.08 26.93
N GLU D 94 12.79 -20.96 26.19
CA GLU D 94 11.79 -22.05 26.06
C GLU D 94 12.36 -23.16 25.16
N VAL D 95 13.18 -22.82 24.16
CA VAL D 95 13.93 -23.82 23.33
C VAL D 95 14.83 -24.64 24.25
N ALA D 96 15.63 -23.96 25.07
CA ALA D 96 16.62 -24.62 25.95
C ALA D 96 15.90 -25.60 26.91
N LYS D 97 14.77 -25.21 27.50
CA LYS D 97 14.01 -26.09 28.41
C LYS D 97 13.58 -27.34 27.62
N GLU D 98 13.14 -27.20 26.37
CA GLU D 98 12.68 -28.35 25.54
C GLU D 98 13.86 -29.25 25.19
N VAL D 99 14.99 -28.68 24.83
CA VAL D 99 16.22 -29.45 24.50
C VAL D 99 16.61 -30.30 25.73
N THR D 100 16.61 -29.71 26.93
CA THR D 100 16.89 -30.46 28.18
C THR D 100 15.85 -31.54 28.37
N ARG D 101 14.57 -31.20 28.32
CA ARG D 101 13.46 -32.15 28.58
C ARG D 101 13.60 -33.35 27.65
N LEU D 102 13.97 -33.14 26.38
CA LEU D 102 13.99 -34.23 25.37
C LEU D 102 15.19 -35.16 25.61
N GLY D 103 16.22 -34.66 26.30
CA GLY D 103 17.45 -35.40 26.60
C GLY D 103 18.24 -35.67 25.36
N VAL D 104 18.12 -34.84 24.33
CA VAL D 104 18.85 -35.06 23.05
C VAL D 104 20.32 -34.71 23.26
N ASN D 105 21.19 -35.25 22.42
CA ASN D 105 22.63 -34.98 22.42
C ASN D 105 23.02 -33.79 21.55
N SER D 106 22.17 -33.43 20.59
CA SER D 106 22.46 -32.36 19.59
C SER D 106 21.15 -31.70 19.12
N VAL D 107 21.25 -30.46 18.67
CA VAL D 107 20.09 -29.69 18.17
C VAL D 107 20.56 -28.75 17.07
N ALA D 108 19.78 -28.67 15.99
CA ALA D 108 19.95 -27.72 14.87
C ALA D 108 19.08 -26.48 15.13
N ILE D 109 19.68 -25.28 15.08
N ILE D 109 19.69 -25.27 15.18
N ILE D 109 19.68 -25.28 15.08
CA ILE D 109 18.95 -24.03 15.47
CA ILE D 109 18.96 -24.01 15.52
CA ILE D 109 18.95 -24.03 15.47
C ILE D 109 19.24 -22.92 14.47
C ILE D 109 19.23 -22.94 14.46
C ILE D 109 19.24 -22.92 14.47
N PRO D 110 18.19 -22.21 14.02
CA PRO D 110 18.34 -21.01 13.19
C PRO D 110 18.38 -19.76 14.09
N LEU D 111 18.75 -18.63 13.53
CA LEU D 111 18.75 -17.34 14.28
C LEU D 111 17.35 -16.74 14.24
N LEU D 112 16.61 -16.92 15.33
CA LEU D 112 15.23 -16.44 15.45
C LEU D 112 15.18 -14.91 15.27
N SER D 113 14.13 -14.43 14.61
CA SER D 113 13.79 -13.00 14.40
C SER D 113 14.80 -12.29 13.48
N THR D 114 15.51 -12.96 12.56
CA THR D 114 16.59 -12.28 11.75
C THR D 114 16.28 -12.08 10.26
N GLY D 115 15.20 -12.64 9.73
CA GLY D 115 14.84 -12.53 8.31
C GLY D 115 13.57 -11.72 8.16
N VAL D 116 12.48 -12.39 7.76
CA VAL D 116 11.13 -11.76 7.59
C VAL D 116 10.66 -11.13 8.91
N TYR D 117 11.19 -11.55 10.07
CA TYR D 117 10.79 -11.05 11.41
C TYR D 117 11.78 -9.99 11.93
N SER D 118 12.74 -9.54 11.10
CA SER D 118 13.81 -8.61 11.53
C SER D 118 13.34 -7.15 11.56
N GLY D 119 12.18 -6.84 10.97
CA GLY D 119 11.73 -5.44 10.82
C GLY D 119 12.72 -4.63 10.00
N GLY D 120 13.41 -5.29 9.06
CA GLY D 120 14.42 -4.64 8.19
C GLY D 120 15.75 -4.26 8.82
N LYS D 121 16.04 -4.75 10.03
CA LYS D 121 17.30 -4.48 10.77
C LYS D 121 18.19 -5.73 10.77
N ASP D 122 19.50 -5.52 10.82
CA ASP D 122 20.49 -6.61 10.98
C ASP D 122 20.50 -6.99 12.45
N ARG D 123 19.99 -8.20 12.79
CA ARG D 123 19.86 -8.68 14.18
C ARG D 123 20.74 -9.89 14.44
N LEU D 124 21.80 -10.10 13.65
CA LEU D 124 22.72 -11.24 13.87
C LEU D 124 23.20 -11.23 15.32
N THR D 125 23.83 -10.13 15.79
CA THR D 125 24.45 -10.08 17.14
C THR D 125 23.40 -10.27 18.25
N GLN D 126 22.26 -9.60 18.10
CA GLN D 126 21.17 -9.63 19.09
C GLN D 126 20.64 -11.07 19.22
N SER D 127 20.35 -11.70 18.11
CA SER D 127 19.77 -13.07 18.09
C SER D 127 20.80 -14.08 18.64
N LEU D 128 22.05 -13.98 18.17
CA LEU D 128 23.12 -14.88 18.64
C LEU D 128 23.32 -14.68 20.13
N ASN D 129 23.24 -13.44 20.63
CA ASN D 129 23.51 -13.21 22.06
C ASN D 129 22.43 -13.88 22.91
N HIS D 130 21.14 -13.82 22.54
CA HIS D 130 20.08 -14.54 23.28
C HIS D 130 20.23 -16.07 23.11
N LEU D 131 20.67 -16.53 21.95
CA LEU D 131 20.89 -17.99 21.70
C LEU D 131 21.93 -18.50 22.72
N PHE D 132 23.10 -17.86 22.80
CA PHE D 132 24.21 -18.30 23.69
C PHE D 132 23.70 -18.30 25.14
N THR D 133 23.04 -17.22 25.56
CA THR D 133 22.57 -17.10 26.96
C THR D 133 21.67 -18.27 27.38
N ALA D 134 20.72 -18.64 26.52
CA ALA D 134 19.75 -19.74 26.77
C ALA D 134 20.46 -21.09 26.66
N MET D 135 21.18 -21.32 25.57
CA MET D 135 21.74 -22.68 25.25
C MET D 135 22.91 -23.06 26.17
N ASP D 136 23.60 -22.07 26.75
CA ASP D 136 24.70 -22.30 27.72
C ASP D 136 24.17 -23.11 28.91
N SER D 137 22.85 -23.09 29.15
CA SER D 137 22.19 -23.80 30.27
C SER D 137 22.07 -25.31 29.98
N THR D 138 22.23 -25.72 28.71
CA THR D 138 22.13 -27.14 28.28
C THR D 138 23.53 -27.77 28.19
N ASP D 139 23.58 -29.09 27.94
CA ASP D 139 24.84 -29.86 27.74
C ASP D 139 24.80 -30.50 26.34
N ALA D 140 24.10 -29.85 25.40
CA ALA D 140 23.88 -30.36 24.03
C ALA D 140 24.89 -29.73 23.07
N ASP D 141 25.29 -30.48 22.03
CA ASP D 141 25.99 -29.95 20.84
C ASP D 141 25.00 -29.06 20.06
N VAL D 142 25.30 -27.78 19.92
CA VAL D 142 24.41 -26.84 19.20
C VAL D 142 25.02 -26.53 17.83
N VAL D 143 24.26 -26.70 16.77
CA VAL D 143 24.68 -26.37 15.41
C VAL D 143 23.76 -25.27 14.88
N ILE D 144 24.33 -24.08 14.69
CA ILE D 144 23.61 -22.92 14.15
C ILE D 144 23.64 -22.98 12.62
N TYR D 145 22.47 -22.79 11.99
CA TYR D 145 22.29 -22.83 10.52
C TYR D 145 22.02 -21.42 9.99
N CYS D 146 22.68 -21.07 8.88
CA CYS D 146 22.49 -19.79 8.15
C CYS D 146 22.64 -20.03 6.64
N ARG D 147 22.37 -19.02 5.81
CA ARG D 147 22.43 -19.16 4.32
C ARG D 147 23.45 -18.19 3.73
N ASP D 148 23.83 -17.13 4.46
CA ASP D 148 24.72 -16.03 3.97
C ASP D 148 26.16 -16.32 4.39
N LYS D 149 27.11 -16.24 3.44
CA LYS D 149 28.55 -16.55 3.69
C LYS D 149 29.14 -15.53 4.69
N GLU D 150 28.71 -14.27 4.62
CA GLU D 150 29.22 -13.23 5.55
C GLU D 150 28.61 -13.45 6.94
N TRP D 151 27.32 -13.83 7.02
CA TRP D 151 26.73 -14.20 8.34
C TRP D 151 27.45 -15.45 8.86
N GLU D 152 27.71 -16.44 8.00
CA GLU D 152 28.50 -17.63 8.40
C GLU D 152 29.82 -17.19 9.05
N LYS D 153 30.57 -16.32 8.37
CA LYS D 153 31.87 -15.83 8.93
C LYS D 153 31.66 -15.10 10.28
N LYS D 154 30.68 -14.19 10.33
CA LYS D 154 30.39 -13.44 11.58
C LYS D 154 30.02 -14.41 12.69
N ILE D 155 29.20 -15.44 12.41
CA ILE D 155 28.78 -16.37 13.49
C ILE D 155 30.00 -17.15 13.97
N SER D 156 30.82 -17.64 13.02
CA SER D 156 32.06 -18.40 13.30
C SER D 156 32.95 -17.60 14.25
N GLU D 157 33.19 -16.33 13.95
CA GLU D 157 34.04 -15.43 14.78
C GLU D 157 33.45 -15.32 16.18
N ALA D 158 32.15 -15.06 16.30
CA ALA D 158 31.42 -14.95 17.58
C ALA D 158 31.63 -16.22 18.42
N ILE D 159 31.60 -17.41 17.81
CA ILE D 159 31.82 -18.69 18.53
C ILE D 159 33.27 -18.73 19.04
N GLN D 160 34.23 -18.41 18.17
CA GLN D 160 35.67 -18.42 18.48
C GLN D 160 35.97 -17.41 19.59
N MET D 161 35.30 -16.25 19.55
CA MET D 161 35.57 -15.08 20.44
C MET D 161 35.26 -15.43 21.90
N ARG D 162 34.25 -16.27 22.16
CA ARG D 162 33.70 -16.51 23.52
C ARG D 162 34.45 -17.62 24.27
N THR D 163 35.35 -18.35 23.59
CA THR D 163 36.11 -19.49 24.18
C THR D 163 37.24 -18.93 25.06
S DMS E . 6.62 4.97 -3.80
O DMS E . 6.46 3.46 -3.87
C1 DMS E . 6.71 5.55 -5.46
C2 DMS E . 8.32 5.26 -3.37
C TRS F . 11.92 -16.05 -27.80
C1 TRS F . 10.50 -15.50 -27.95
C2 TRS F . 12.17 -16.50 -26.37
C3 TRS F . 12.18 -17.19 -28.79
N TRS F . 12.88 -14.93 -28.12
O1 TRS F . 10.27 -14.98 -29.25
O2 TRS F . 11.29 -17.55 -25.98
O3 TRS F . 13.55 -17.49 -28.90
S DMS G . 1.01 -14.02 -11.18
O DMS G . 0.00 -13.31 -12.03
C1 DMS G . 2.24 -12.84 -10.74
C2 DMS G . 2.00 -14.98 -12.29
S DMS H . -7.20 9.40 -25.88
O DMS H . -8.49 9.56 -25.10
C1 DMS H . -6.84 11.01 -26.54
C2 DMS H . -7.65 8.64 -27.42
CL CL I . 3.67 13.07 -15.17
S DMS J . 15.19 -0.32 -20.17
O DMS J . 16.02 -0.90 -19.07
C1 DMS J . 14.40 -1.71 -20.93
C2 DMS J . 16.34 0.01 -21.47
S DMS K . 3.19 15.89 -19.19
O DMS K . 4.28 14.83 -19.35
C1 DMS K . 2.35 15.38 -17.69
C2 DMS K . 3.95 17.36 -18.54
S DMS L . 2.75 -4.16 -0.33
O DMS L . 1.93 -3.36 -1.31
C1 DMS L . 4.23 -3.23 -0.02
C2 DMS L . 3.50 -5.45 -1.26
S DMS M . 9.99 3.28 -24.38
O DMS M . 9.72 1.81 -24.19
C1 DMS M . 10.84 3.82 -22.93
C2 DMS M . 8.46 4.12 -24.07
S DMS N . 11.07 9.14 -29.05
O DMS N . 10.51 8.04 -28.21
C1 DMS N . 12.50 9.72 -28.19
C2 DMS N . 10.04 10.55 -28.76
CL CL O . 7.23 9.20 -25.81
CL CL P . 12.82 1.18 -24.95
CL CL Q . -1.98 26.05 5.85
N1 ZV5 R . -4.55 11.11 -15.44
N3 ZV5 R . -4.32 11.72 -13.33
C4 ZV5 R . -6.24 10.37 -12.53
C5 ZV5 R . -6.09 10.49 -11.02
C6 ZV5 R . -5.05 9.53 -10.52
C7 ZV5 R . -3.91 9.38 -12.61
O1 ZV5 R . -3.58 13.16 -14.99
C1 ZV5 R . -4.09 12.11 -14.61
C2 ZV5 R . -5.04 10.05 -14.74
O2 ZV5 R . -5.52 9.02 -15.20
C3 ZV5 R . -4.88 10.38 -13.26
N2 ZV5 R . -3.80 9.78 -11.22
S DMS S . -1.97 27.34 -1.60
O DMS S . -1.98 28.77 -2.01
C1 DMS S . -2.45 27.32 0.10
C2 DMS S . -0.26 26.91 -1.34
S DMS T . 2.68 27.67 -7.06
O DMS T . 2.99 27.37 -8.49
C1 DMS T . 1.29 28.76 -7.07
C2 DMS T . 3.88 28.87 -6.60
S DMS U . 1.27 28.99 6.15
O DMS U . 0.14 29.05 5.14
C1 DMS U . 0.56 28.35 7.64
C2 DMS U . 1.55 30.66 6.69
CL CL V . 0.44 30.42 -2.76
S DMS W . -24.33 3.14 23.24
O DMS W . -22.94 3.76 23.45
C1 DMS W . -24.18 1.83 22.11
C2 DMS W . -25.28 4.24 22.21
N1 K34 X . -17.04 2.14 6.31
N3 K34 X . -14.97 1.90 5.58
C4 K34 X . -15.19 3.21 5.76
N K34 X . -17.40 -0.79 6.15
C K34 X . -17.25 -2.14 6.05
C1 K34 X . -16.01 -2.57 5.74
C2 K34 X . -16.26 -0.19 5.91
C3 K34 X . -16.12 1.27 5.92
N2 K34 X . -16.47 3.40 6.21
S K34 X . -14.95 -1.26 5.56
S DMS Y . -19.63 -3.33 -4.58
O DMS Y . -19.36 -2.98 -3.15
C1 DMS Y . -21.39 -3.19 -4.78
C2 DMS Y . -19.51 -5.09 -4.69
N1 A1AP9 Z . -21.34 -7.81 -2.08
C4 A1AP9 Z . -22.98 -6.05 -2.06
C5 A1AP9 Z . -22.76 -7.53 -2.24
C6 A1AP9 Z . -20.96 -7.65 -0.68
N A1AP9 Z . -19.54 -5.17 1.07
C A1AP9 Z . -19.15 -4.84 -0.22
O A1AP9 Z . -18.17 -4.16 -0.51
C1 A1AP9 Z . -20.69 -5.91 1.08
C2 A1AP9 Z . -21.07 -6.17 -0.39
C3 A1AP9 Z . -22.48 -5.63 -0.68
N2 A1AP9 Z . -20.04 -5.39 -1.07
O1 A1AP9 Z . -21.28 -6.32 2.05
S DMS AA . 10.51 -34.73 1.87
O DMS AA . 11.55 -33.66 2.16
C1 DMS AA . 9.30 -33.97 0.81
C2 DMS AA . 9.50 -34.97 3.32
S DMS BA . 6.64 -34.05 22.92
O DMS BA . 8.11 -33.75 22.89
C1 DMS BA . 6.07 -33.99 21.26
C2 DMS BA . 5.84 -32.56 23.49
CL CL CA . 21.59 -16.12 6.89
S DMS DA . 15.30 -16.61 10.14
O DMS DA . 14.62 -16.88 11.47
C1 DMS DA . 14.42 -17.58 8.94
C2 DMS DA . 16.79 -17.56 10.16
#